data_5C1P
#
_entry.id   5C1P
#
_cell.length_a   62.670
_cell.length_b   106.545
_cell.length_c   211.103
_cell.angle_alpha   90.00
_cell.angle_beta   90.00
_cell.angle_gamma   90.00
#
_symmetry.space_group_name_H-M   'P 21 21 21'
#
loop_
_entity.id
_entity.type
_entity.pdbx_description
1 polymer 'D-alanine--D-alanine ligase'
2 non-polymer 'SODIUM ION'
3 non-polymer GLYCEROL
4 non-polymer "ADENOSINE-5'-DIPHOSPHATE"
5 non-polymer 'ACETATE ION'
6 non-polymer D-ALANINE
7 water water
#
_entity_poly.entity_id   1
_entity_poly.type   'polypeptide(L)'
_entity_poly.pdbx_seq_one_letter_code
;MAEKVAVLLGGTSAEREVSLLSGQAVLAGLKEAGIDAYGVDTKDFPVTQLKEQGFDKVFIALHGRGGEDGTLQGVLEFLQ
LPYTGSGVMASALTMDKLRTKLVWQALGLPISPYVALNRQQFETLSPEELVACVAKLGLPLIVKPSHEGSSVGMSKVDHA
SELQKALVEAFQHDSDVLIEKWLSGPEFTVAILGDEVLPSIRIQPPGVFYDYDAKYLSDKTQYFCPSGLSDESEQQLAAL
ALQAYHALDCSGWGRVDVMQDRDGHFYLLEVNTSPGMTSHSLVPMAARQYGLSFSQLVARILMLAD
;
_entity_poly.pdbx_strand_id   A,B,C,D
#
loop_
_chem_comp.id
_chem_comp.type
_chem_comp.name
_chem_comp.formula
ACT non-polymer 'ACETATE ION' 'C2 H3 O2 -1'
ADP non-polymer ADENOSINE-5'-DIPHOSPHATE 'C10 H15 N5 O10 P2'
GOL non-polymer GLYCEROL 'C3 H8 O3'
NA non-polymer 'SODIUM ION' 'Na 1'
#
# COMPACT_ATOMS: atom_id res chain seq x y z
N MET A 1 15.96 -24.58 5.61
CA MET A 1 15.77 -23.15 5.29
C MET A 1 14.61 -22.91 4.32
N ALA A 2 14.80 -23.27 3.06
CA ALA A 2 13.85 -22.95 2.00
C ALA A 2 12.45 -23.59 2.15
N GLU A 3 11.44 -22.88 1.65
CA GLU A 3 10.06 -23.30 1.69
C GLU A 3 9.98 -24.52 0.83
N LYS A 4 9.23 -25.50 1.27
CA LYS A 4 8.94 -26.64 0.44
C LYS A 4 7.57 -26.42 -0.18
N VAL A 5 7.51 -26.47 -1.48
CA VAL A 5 6.27 -26.17 -2.20
C VAL A 5 5.69 -27.40 -2.87
N ALA A 6 4.41 -27.67 -2.61
CA ALA A 6 3.70 -28.72 -3.31
C ALA A 6 2.90 -28.19 -4.52
N VAL A 7 3.16 -28.79 -5.66
CA VAL A 7 2.36 -28.57 -6.86
C VAL A 7 1.34 -29.71 -6.97
N LEU A 8 0.08 -29.40 -6.68
CA LEU A 8 -0.99 -30.35 -6.71
C LEU A 8 -1.44 -30.51 -8.14
N LEU A 9 -1.51 -31.75 -8.60
CA LEU A 9 -1.73 -32.03 -10.02
C LEU A 9 -2.42 -33.35 -10.21
N GLY A 10 -2.97 -33.53 -11.40
CA GLY A 10 -3.65 -34.78 -11.76
C GLY A 10 -5.03 -34.88 -11.16
N GLY A 11 -5.12 -35.45 -9.98
CA GLY A 11 -6.41 -35.65 -9.35
C GLY A 11 -7.32 -36.67 -10.02
N THR A 12 -8.60 -36.59 -9.68
CA THR A 12 -9.59 -37.54 -10.10
C THR A 12 -10.72 -36.90 -10.92
N SER A 13 -10.60 -35.65 -11.32
CA SER A 13 -11.66 -35.04 -12.13
C SER A 13 -11.54 -35.44 -13.59
N ALA A 14 -12.58 -35.16 -14.35
CA ALA A 14 -12.57 -35.33 -15.80
C ALA A 14 -11.36 -34.67 -16.46
N GLU A 15 -10.84 -33.61 -15.84
CA GLU A 15 -9.74 -32.86 -16.44
C GLU A 15 -8.34 -33.35 -15.96
N ARG A 16 -8.28 -34.50 -15.28
CA ARG A 16 -7.03 -35.09 -14.85
C ARG A 16 -5.86 -34.98 -15.85
N GLU A 17 -6.11 -35.30 -17.11
CA GLU A 17 -4.99 -35.41 -18.07
C GLU A 17 -4.47 -34.03 -18.35
N VAL A 18 -5.37 -33.05 -18.49
CA VAL A 18 -4.92 -31.66 -18.66
C VAL A 18 -4.16 -31.16 -17.43
N SER A 19 -4.63 -31.54 -16.24
CA SER A 19 -3.98 -31.16 -14.99
C SER A 19 -2.58 -31.77 -14.78
N LEU A 20 -2.38 -33.01 -15.22
CA LEU A 20 -1.00 -33.61 -15.23
C LEU A 20 -0.05 -32.79 -16.07
N LEU A 21 -0.53 -32.34 -17.23
CA LEU A 21 0.27 -31.46 -18.06
C LEU A 21 0.54 -30.09 -17.38
N SER A 22 -0.49 -29.48 -16.84
CA SER A 22 -0.37 -28.19 -16.17
C SER A 22 0.62 -28.29 -15.01
N GLY A 23 0.41 -29.27 -14.18
CA GLY A 23 1.30 -29.48 -13.07
C GLY A 23 2.76 -29.74 -13.45
N GLN A 24 2.96 -30.52 -14.52
CA GLN A 24 4.32 -30.82 -14.99
C GLN A 24 5.00 -29.54 -15.44
N ALA A 25 4.26 -28.68 -16.13
CA ALA A 25 4.82 -27.43 -16.61
C ALA A 25 5.11 -26.50 -15.42
N VAL A 26 4.15 -26.39 -14.51
CA VAL A 26 4.33 -25.52 -13.34
C VAL A 26 5.54 -25.99 -12.54
N LEU A 27 5.65 -27.29 -12.35
CA LEU A 27 6.75 -27.84 -11.57
C LEU A 27 8.09 -27.43 -12.16
N ALA A 28 8.21 -27.53 -13.48
CA ALA A 28 9.47 -27.16 -14.12
C ALA A 28 9.72 -25.64 -14.06
N GLY A 29 8.66 -24.86 -14.13
CA GLY A 29 8.77 -23.42 -14.10
C GLY A 29 9.22 -22.93 -12.72
N LEU A 30 8.66 -23.52 -11.68
CA LEU A 30 9.08 -23.16 -10.33
C LEU A 30 10.54 -23.54 -10.02
N LYS A 31 10.97 -24.72 -10.44
CA LYS A 31 12.36 -25.16 -10.20
C LYS A 31 13.33 -24.23 -10.95
N GLU A 32 12.97 -23.85 -12.16
CA GLU A 32 13.77 -22.96 -12.98
C GLU A 32 13.92 -21.58 -12.29
N ALA A 33 12.92 -21.19 -11.50
CA ALA A 33 13.01 -19.93 -10.75
C ALA A 33 13.69 -20.05 -9.39
N GLY A 34 14.12 -21.24 -9.02
CA GLY A 34 14.87 -21.47 -7.80
C GLY A 34 14.04 -21.89 -6.59
N ILE A 35 12.80 -22.32 -6.86
CA ILE A 35 11.88 -22.70 -5.81
C ILE A 35 12.05 -24.20 -5.55
N ASP A 36 12.02 -24.60 -4.27
CA ASP A 36 12.09 -26.02 -3.91
C ASP A 36 10.69 -26.69 -4.02
N ALA A 37 10.33 -27.05 -5.25
CA ALA A 37 9.00 -27.56 -5.53
C ALA A 37 8.97 -29.05 -5.83
N TYR A 38 7.85 -29.70 -5.48
CA TYR A 38 7.64 -31.12 -5.69
C TYR A 38 6.27 -31.36 -6.28
N GLY A 39 6.23 -32.24 -7.28
CA GLY A 39 4.96 -32.65 -7.84
C GLY A 39 4.22 -33.61 -6.93
N VAL A 40 2.93 -33.37 -6.74
CA VAL A 40 2.08 -34.21 -5.91
C VAL A 40 0.79 -34.56 -6.63
N ASP A 41 0.72 -35.82 -7.08
CA ASP A 41 -0.46 -36.35 -7.78
C ASP A 41 -1.50 -36.71 -6.74
N THR A 42 -2.58 -35.91 -6.69
CA THR A 42 -3.53 -36.01 -5.59
C THR A 42 -4.40 -37.23 -5.74
N LYS A 43 -4.36 -37.89 -6.91
CA LYS A 43 -4.95 -39.21 -7.01
C LYS A 43 -4.32 -40.19 -6.00
N ASP A 44 -3.01 -40.10 -5.77
CA ASP A 44 -2.27 -41.08 -4.97
C ASP A 44 -1.92 -40.56 -3.61
N PHE A 45 -1.97 -39.24 -3.45
CA PHE A 45 -1.60 -38.64 -2.20
C PHE A 45 -2.74 -37.77 -1.65
N PRO A 46 -3.14 -38.00 -0.39
CA PRO A 46 -4.31 -37.27 0.10
C PRO A 46 -3.91 -35.86 0.51
N VAL A 47 -4.64 -34.86 0.03
CA VAL A 47 -4.29 -33.48 0.29
C VAL A 47 -4.33 -33.14 1.77
N THR A 48 -5.07 -33.91 2.55
CA THR A 48 -5.13 -33.73 4.01
C THR A 48 -3.81 -33.99 4.72
N GLN A 49 -2.85 -34.60 4.03
CA GLN A 49 -1.56 -34.93 4.63
C GLN A 49 -0.43 -34.00 4.20
N LEU A 50 -0.75 -32.93 3.47
CA LEU A 50 0.29 -32.06 2.97
C LEU A 50 1.12 -31.43 4.08
N LYS A 51 0.50 -31.00 5.16
CA LYS A 51 1.27 -30.43 6.26
C LYS A 51 2.13 -31.49 6.94
N GLU A 52 1.56 -32.65 7.24
CA GLU A 52 2.31 -33.74 7.86
C GLU A 52 3.54 -34.09 7.05
N GLN A 53 3.42 -34.01 5.74
CA GLN A 53 4.51 -34.37 4.87
C GLN A 53 5.59 -33.28 4.83
N GLY A 54 5.38 -32.16 5.50
CA GLY A 54 6.36 -31.09 5.53
C GLY A 54 6.25 -29.96 4.50
N PHE A 55 5.14 -29.86 3.77
CA PHE A 55 5.00 -28.72 2.86
C PHE A 55 4.63 -27.43 3.58
N ASP A 56 5.12 -26.32 3.05
CA ASP A 56 4.89 -25.00 3.61
C ASP A 56 3.92 -24.20 2.78
N LYS A 57 3.80 -24.54 1.50
CA LYS A 57 3.08 -23.72 0.54
C LYS A 57 2.59 -24.62 -0.60
N VAL A 58 1.44 -24.30 -1.15
CA VAL A 58 0.83 -25.10 -2.19
C VAL A 58 0.53 -24.27 -3.43
N PHE A 59 0.93 -24.80 -4.56
CA PHE A 59 0.53 -24.30 -5.83
C PHE A 59 -0.53 -25.27 -6.36
N ILE A 60 -1.70 -24.74 -6.67
CA ILE A 60 -2.78 -25.54 -7.15
C ILE A 60 -2.81 -25.57 -8.67
N ALA A 61 -2.59 -26.75 -9.23
CA ALA A 61 -2.67 -26.95 -10.68
C ALA A 61 -3.68 -28.03 -11.08
N LEU A 62 -4.63 -28.27 -10.18
CA LEU A 62 -5.80 -29.10 -10.46
C LEU A 62 -6.89 -28.25 -11.14
N HIS A 63 -7.74 -28.93 -11.93
CA HIS A 63 -8.83 -28.29 -12.63
C HIS A 63 -10.14 -29.04 -12.37
N GLY A 64 -11.26 -28.32 -12.40
CA GLY A 64 -12.54 -28.96 -12.23
C GLY A 64 -12.84 -29.36 -10.78
N ARG A 65 -13.75 -30.30 -10.66
CA ARG A 65 -14.26 -30.78 -9.40
C ARG A 65 -13.07 -31.12 -8.47
N GLY A 66 -13.14 -30.60 -7.25
CA GLY A 66 -12.13 -30.84 -6.23
C GLY A 66 -10.84 -30.06 -6.43
N GLY A 67 -10.81 -29.20 -7.46
CA GLY A 67 -9.66 -28.35 -7.66
C GLY A 67 -9.93 -26.86 -7.61
N GLU A 68 -11.01 -26.42 -8.28
CA GLU A 68 -11.30 -25.02 -8.49
C GLU A 68 -12.70 -24.59 -7.93
N ASP A 69 -13.27 -25.42 -7.06
CA ASP A 69 -14.63 -25.29 -6.60
C ASP A 69 -14.79 -25.02 -5.10
N GLY A 70 -13.71 -24.73 -4.38
CA GLY A 70 -13.84 -24.43 -2.95
C GLY A 70 -13.51 -25.56 -1.96
N THR A 71 -13.65 -26.80 -2.37
CA THR A 71 -13.45 -27.90 -1.48
C THR A 71 -11.98 -28.03 -1.09
N LEU A 72 -11.10 -28.10 -2.07
CA LEU A 72 -9.65 -28.14 -1.82
C LEU A 72 -9.22 -26.92 -1.00
N GLN A 73 -9.79 -25.75 -1.34
CA GLN A 73 -9.40 -24.54 -0.71
C GLN A 73 -9.80 -24.61 0.81
N GLY A 74 -10.90 -25.24 1.09
CA GLY A 74 -11.32 -25.48 2.44
C GLY A 74 -10.36 -26.35 3.24
N VAL A 75 -9.92 -27.45 2.65
CA VAL A 75 -8.92 -28.31 3.26
C VAL A 75 -7.66 -27.52 3.59
N LEU A 76 -7.18 -26.76 2.60
CA LEU A 76 -5.97 -25.97 2.80
C LEU A 76 -6.13 -24.89 3.86
N GLU A 77 -7.29 -24.24 3.93
CA GLU A 77 -7.56 -23.26 4.94
C GLU A 77 -7.50 -23.98 6.28
N PHE A 78 -8.10 -25.18 6.36
CA PHE A 78 -8.08 -25.90 7.63
C PHE A 78 -6.64 -26.22 8.08
N LEU A 79 -5.83 -26.68 7.15
CA LEU A 79 -4.42 -26.92 7.42
C LEU A 79 -3.59 -25.66 7.59
N GLN A 80 -4.15 -24.52 7.20
CA GLN A 80 -3.45 -23.23 7.29
C GLN A 80 -2.17 -23.21 6.44
N LEU A 81 -2.24 -23.78 5.26
CA LEU A 81 -1.20 -23.65 4.28
C LEU A 81 -1.58 -22.58 3.27
N PRO A 82 -0.69 -21.63 3.03
CA PRO A 82 -0.93 -20.69 2.00
C PRO A 82 -1.01 -21.43 0.64
N TYR A 83 -1.86 -20.92 -0.25
CA TYR A 83 -2.07 -21.55 -1.53
C TYR A 83 -2.35 -20.54 -2.62
N THR A 84 -2.16 -20.96 -3.86
CA THR A 84 -2.33 -20.07 -4.96
C THR A 84 -3.80 -19.98 -5.36
N GLY A 85 -4.13 -18.87 -6.00
CA GLY A 85 -5.49 -18.67 -6.49
C GLY A 85 -6.46 -18.15 -5.46
N SER A 86 -7.74 -18.14 -5.83
CA SER A 86 -8.80 -17.61 -5.02
C SER A 86 -9.15 -18.48 -3.78
N GLY A 87 -9.79 -17.83 -2.80
CA GLY A 87 -10.20 -18.49 -1.61
C GLY A 87 -11.51 -19.28 -1.80
N VAL A 88 -12.05 -19.73 -0.68
CA VAL A 88 -13.16 -20.70 -0.67
C VAL A 88 -14.39 -20.11 -1.38
N MET A 89 -14.75 -18.92 -0.97
CA MET A 89 -15.98 -18.29 -1.38
C MET A 89 -15.94 -18.07 -2.91
N ALA A 90 -14.89 -17.42 -3.37
CA ALA A 90 -14.75 -17.12 -4.75
C ALA A 90 -14.61 -18.38 -5.64
N SER A 91 -13.86 -19.35 -5.15
CA SER A 91 -13.65 -20.58 -5.92
C SER A 91 -14.98 -21.27 -6.16
N ALA A 92 -15.83 -21.27 -5.12
CA ALA A 92 -17.14 -21.95 -5.16
C ALA A 92 -18.21 -21.13 -5.89
N LEU A 93 -18.20 -19.80 -5.67
CA LEU A 93 -19.15 -18.89 -6.27
C LEU A 93 -19.01 -18.91 -7.81
N THR A 94 -17.78 -18.91 -8.30
CA THR A 94 -17.53 -18.98 -9.74
C THR A 94 -18.02 -20.26 -10.41
N MET A 95 -18.39 -21.28 -9.66
CA MET A 95 -18.98 -22.47 -10.25
C MET A 95 -20.49 -22.34 -10.36
N ASP A 96 -21.07 -21.34 -9.72
CA ASP A 96 -22.51 -21.12 -9.72
C ASP A 96 -22.81 -19.97 -10.73
N LYS A 97 -23.29 -20.33 -11.89
CA LYS A 97 -23.43 -19.36 -12.96
C LYS A 97 -24.59 -18.43 -12.67
N LEU A 98 -25.66 -18.91 -12.07
CA LEU A 98 -26.73 -18.03 -11.57
C LEU A 98 -26.22 -16.97 -10.60
N ARG A 99 -25.50 -17.38 -9.56
CA ARG A 99 -25.18 -16.38 -8.54
C ARG A 99 -24.09 -15.46 -8.96
N THR A 100 -23.16 -15.97 -9.76
CA THR A 100 -22.18 -15.14 -10.45
C THR A 100 -22.90 -14.02 -11.19
N LYS A 101 -23.91 -14.40 -11.98
CA LYS A 101 -24.63 -13.41 -12.76
C LYS A 101 -25.35 -12.38 -11.89
N LEU A 102 -26.01 -12.85 -10.82
CA LEU A 102 -26.74 -11.99 -9.98
C LEU A 102 -25.84 -10.96 -9.33
N VAL A 103 -24.67 -11.37 -8.88
CA VAL A 103 -23.73 -10.41 -8.27
C VAL A 103 -23.29 -9.36 -9.32
N TRP A 104 -22.90 -9.81 -10.49
CA TRP A 104 -22.49 -8.88 -11.55
C TRP A 104 -23.61 -7.86 -11.93
N GLN A 105 -24.81 -8.35 -12.02
CA GLN A 105 -25.98 -7.57 -12.37
C GLN A 105 -26.27 -6.53 -11.30
N ALA A 106 -26.18 -6.91 -10.02
CA ALA A 106 -26.42 -5.93 -8.94
C ALA A 106 -25.41 -4.83 -8.95
N LEU A 107 -24.20 -5.12 -9.39
CA LEU A 107 -23.19 -4.07 -9.52
C LEU A 107 -23.30 -3.27 -10.82
N GLY A 108 -24.27 -3.58 -11.69
CA GLY A 108 -24.39 -2.82 -12.94
C GLY A 108 -23.41 -3.30 -14.04
N LEU A 109 -22.84 -4.50 -13.90
CA LEU A 109 -21.92 -5.00 -14.86
C LEU A 109 -22.69 -5.75 -15.95
N PRO A 110 -22.17 -5.77 -17.16
CA PRO A 110 -22.98 -6.27 -18.30
C PRO A 110 -22.98 -7.77 -18.45
N ILE A 111 -24.17 -8.35 -18.48
CA ILE A 111 -24.36 -9.78 -18.77
C ILE A 111 -25.48 -9.96 -19.79
N SER A 112 -25.51 -11.12 -20.44
CA SER A 112 -26.51 -11.37 -21.48
C SER A 112 -27.88 -11.48 -20.82
N PRO A 113 -28.95 -10.97 -21.47
CA PRO A 113 -30.30 -11.17 -20.92
C PRO A 113 -30.55 -12.66 -20.75
N TYR A 114 -31.28 -13.03 -19.70
CA TYR A 114 -31.48 -14.44 -19.44
C TYR A 114 -32.70 -14.59 -18.58
N VAL A 115 -33.14 -15.83 -18.45
CA VAL A 115 -34.14 -16.22 -17.50
C VAL A 115 -33.58 -17.39 -16.74
N ALA A 116 -33.85 -17.39 -15.43
CA ALA A 116 -33.51 -18.53 -14.53
C ALA A 116 -34.77 -19.32 -14.27
N LEU A 117 -34.64 -20.61 -14.17
CA LEU A 117 -35.76 -21.52 -13.87
C LEU A 117 -35.34 -22.62 -12.89
N ASN A 118 -36.09 -22.79 -11.82
CA ASN A 118 -35.89 -23.97 -10.95
C ASN A 118 -36.75 -25.18 -11.34
N ARG A 119 -36.53 -26.28 -10.65
CA ARG A 119 -37.28 -27.52 -10.88
C ARG A 119 -38.77 -27.37 -10.65
N GLN A 120 -39.13 -26.60 -9.63
CA GLN A 120 -40.52 -26.41 -9.26
C GLN A 120 -41.28 -25.76 -10.40
N GLN A 121 -40.72 -24.70 -10.98
CA GLN A 121 -41.40 -24.00 -12.06
C GLN A 121 -41.49 -24.90 -13.26
N PHE A 122 -40.44 -25.66 -13.48
CA PHE A 122 -40.42 -26.59 -14.60
C PHE A 122 -41.54 -27.65 -14.50
N GLU A 123 -41.80 -28.08 -13.29
CA GLU A 123 -42.77 -29.15 -13.05
C GLU A 123 -44.21 -28.61 -13.11
N THR A 124 -44.40 -27.35 -12.70
CA THR A 124 -45.69 -26.67 -12.74
C THR A 124 -46.09 -26.02 -14.08
N LEU A 125 -45.21 -26.05 -15.08
CA LEU A 125 -45.47 -25.26 -16.28
C LEU A 125 -45.45 -26.12 -17.51
N SER A 126 -46.36 -25.79 -18.40
CA SER A 126 -46.47 -26.48 -19.69
C SER A 126 -45.41 -25.95 -20.67
N PRO A 127 -45.02 -26.79 -21.65
CA PRO A 127 -44.11 -26.39 -22.72
C PRO A 127 -44.42 -25.01 -23.33
N GLU A 128 -45.71 -24.75 -23.54
CA GLU A 128 -46.20 -23.49 -24.12
C GLU A 128 -45.97 -22.28 -23.20
N GLU A 129 -46.19 -22.43 -21.90
CA GLU A 129 -45.92 -21.32 -20.96
C GLU A 129 -44.38 -21.13 -20.75
N LEU A 130 -43.62 -22.22 -20.85
CA LEU A 130 -42.16 -22.11 -20.84
C LEU A 130 -41.67 -21.26 -22.01
N VAL A 131 -42.12 -21.61 -23.22
CA VAL A 131 -41.82 -20.81 -24.40
C VAL A 131 -42.15 -19.36 -24.14
N ALA A 132 -43.31 -19.08 -23.56
CA ALA A 132 -43.71 -17.68 -23.27
C ALA A 132 -42.82 -17.01 -22.21
N CYS A 133 -42.37 -17.76 -21.21
CA CYS A 133 -41.38 -17.28 -20.21
C CYS A 133 -40.10 -16.74 -20.87
N VAL A 134 -39.66 -17.36 -21.97
CA VAL A 134 -38.42 -16.94 -22.61
C VAL A 134 -38.58 -16.20 -23.93
N ALA A 135 -39.81 -15.89 -24.28
CA ALA A 135 -40.09 -15.27 -25.58
C ALA A 135 -39.30 -13.97 -25.73
N LYS A 136 -39.20 -13.21 -24.64
CA LYS A 136 -38.53 -11.90 -24.70
C LYS A 136 -37.02 -11.95 -24.99
N LEU A 137 -36.42 -13.15 -24.91
CA LEU A 137 -35.01 -13.37 -25.19
C LEU A 137 -34.73 -13.57 -26.68
N GLY A 138 -35.77 -13.79 -27.47
CA GLY A 138 -35.63 -14.02 -28.89
C GLY A 138 -35.06 -15.37 -29.16
N LEU A 139 -34.47 -15.52 -30.33
CA LEU A 139 -33.80 -16.77 -30.73
C LEU A 139 -32.55 -16.45 -31.53
N PRO A 140 -31.59 -17.36 -31.50
CA PRO A 140 -31.52 -18.57 -30.72
C PRO A 140 -31.08 -18.30 -29.25
N LEU A 141 -31.11 -19.37 -28.45
CA LEU A 141 -30.97 -19.39 -27.01
C LEU A 141 -29.95 -20.42 -26.61
N ILE A 142 -29.27 -20.16 -25.49
CA ILE A 142 -28.44 -21.14 -24.82
C ILE A 142 -29.14 -21.58 -23.57
N VAL A 143 -29.18 -22.91 -23.38
CA VAL A 143 -29.78 -23.54 -22.22
C VAL A 143 -28.72 -24.35 -21.50
N LYS A 144 -28.53 -24.06 -20.20
CA LYS A 144 -27.48 -24.68 -19.39
C LYS A 144 -27.88 -24.85 -17.94
N PRO A 145 -27.39 -25.93 -17.33
CA PRO A 145 -27.41 -26.04 -15.87
C PRO A 145 -26.71 -24.85 -15.21
N SER A 146 -27.24 -24.41 -14.09
CA SER A 146 -26.61 -23.33 -13.32
C SER A 146 -25.23 -23.67 -12.78
N HIS A 147 -24.92 -24.94 -12.52
CA HIS A 147 -23.58 -25.35 -12.03
C HIS A 147 -22.54 -25.82 -13.09
N SER A 151 -19.36 -28.17 -20.78
CA SER A 151 -20.61 -28.02 -21.55
C SER A 151 -21.58 -29.21 -21.40
N VAL A 152 -21.57 -29.88 -20.25
CA VAL A 152 -22.42 -31.05 -20.00
C VAL A 152 -23.84 -30.55 -19.72
N GLY A 153 -24.82 -31.05 -20.47
CA GLY A 153 -26.22 -30.65 -20.36
C GLY A 153 -26.59 -29.32 -21.02
N MET A 154 -25.67 -28.74 -21.78
CA MET A 154 -25.91 -27.50 -22.54
C MET A 154 -26.50 -27.74 -23.93
N SER A 155 -27.42 -26.87 -24.36
CA SER A 155 -27.88 -26.89 -25.76
C SER A 155 -28.00 -25.50 -26.32
N LYS A 156 -27.83 -25.41 -27.64
CA LYS A 156 -28.29 -24.29 -28.41
C LYS A 156 -29.67 -24.64 -28.94
N VAL A 157 -30.64 -23.78 -28.62
CA VAL A 157 -32.00 -23.91 -29.07
C VAL A 157 -32.24 -22.89 -30.20
N ASP A 158 -32.62 -23.39 -31.39
CA ASP A 158 -32.81 -22.56 -32.58
C ASP A 158 -34.29 -22.23 -32.84
N HIS A 159 -35.18 -23.11 -32.37
CA HIS A 159 -36.62 -22.91 -32.54
C HIS A 159 -37.33 -23.21 -31.24
N ALA A 160 -38.40 -22.47 -30.99
CA ALA A 160 -39.17 -22.63 -29.75
C ALA A 160 -39.55 -24.07 -29.43
N SER A 161 -39.84 -24.84 -30.48
CA SER A 161 -40.23 -26.26 -30.32
C SER A 161 -39.09 -27.14 -29.77
N GLU A 162 -37.83 -26.72 -29.95
CA GLU A 162 -36.68 -27.42 -29.37
C GLU A 162 -36.44 -27.13 -27.85
N LEU A 163 -37.15 -26.14 -27.28
CA LEU A 163 -36.87 -25.68 -25.92
C LEU A 163 -37.07 -26.79 -24.86
N GLN A 164 -38.16 -27.53 -25.01
CA GLN A 164 -38.51 -28.54 -24.03
C GLN A 164 -37.42 -29.58 -23.84
N LYS A 165 -36.98 -30.17 -24.93
CA LYS A 165 -35.95 -31.17 -24.87
C LYS A 165 -34.69 -30.63 -24.20
N ALA A 166 -34.35 -29.37 -24.47
CA ALA A 166 -33.17 -28.77 -23.88
C ALA A 166 -33.35 -28.59 -22.36
N LEU A 167 -34.55 -28.20 -21.93
CA LEU A 167 -34.81 -28.07 -20.51
C LEU A 167 -34.76 -29.42 -19.76
N VAL A 168 -35.37 -30.42 -20.34
CA VAL A 168 -35.33 -31.78 -19.81
C VAL A 168 -33.89 -32.26 -19.63
N GLU A 169 -33.06 -32.09 -20.66
CA GLU A 169 -31.66 -32.46 -20.58
C GLU A 169 -30.94 -31.71 -19.48
N ALA A 170 -31.23 -30.41 -19.36
CA ALA A 170 -30.52 -29.56 -18.39
C ALA A 170 -30.91 -29.90 -16.95
N PHE A 171 -32.19 -30.14 -16.72
CA PHE A 171 -32.65 -30.58 -15.42
C PHE A 171 -32.21 -31.99 -15.00
N GLN A 172 -31.60 -32.78 -15.89
CA GLN A 172 -30.94 -34.01 -15.47
C GLN A 172 -29.81 -33.72 -14.47
N HIS A 173 -29.16 -32.58 -14.65
CA HIS A 173 -27.86 -32.29 -14.01
C HIS A 173 -27.96 -31.26 -12.90
N ASP A 174 -29.10 -30.60 -12.73
CA ASP A 174 -29.19 -29.47 -11.83
C ASP A 174 -30.62 -29.12 -11.58
N SER A 175 -30.88 -28.44 -10.46
CA SER A 175 -32.22 -28.03 -10.14
C SER A 175 -32.45 -26.56 -10.52
N ASP A 176 -31.39 -25.90 -10.96
CA ASP A 176 -31.48 -24.56 -11.45
C ASP A 176 -30.93 -24.55 -12.88
N VAL A 177 -31.66 -23.90 -13.78
CA VAL A 177 -31.29 -23.88 -15.17
C VAL A 177 -31.33 -22.44 -15.69
N LEU A 178 -30.40 -22.12 -16.57
CA LEU A 178 -30.36 -20.80 -17.17
C LEU A 178 -30.70 -20.88 -18.64
N ILE A 179 -31.52 -19.92 -19.07
CA ILE A 179 -31.80 -19.75 -20.48
C ILE A 179 -31.28 -18.36 -20.88
N GLU A 180 -30.29 -18.32 -21.75
CA GLU A 180 -29.63 -17.06 -22.12
C GLU A 180 -29.80 -16.72 -23.60
N LYS A 181 -29.86 -15.44 -23.89
CA LYS A 181 -29.85 -14.95 -25.25
C LYS A 181 -28.53 -15.27 -25.88
N TRP A 182 -28.57 -15.88 -27.06
CA TRP A 182 -27.34 -16.17 -27.81
C TRP A 182 -26.63 -14.87 -28.26
N LEU A 183 -25.31 -14.83 -28.16
CA LEU A 183 -24.50 -13.65 -28.53
C LEU A 183 -23.66 -14.02 -29.74
N SER A 184 -23.55 -13.07 -30.67
CA SER A 184 -22.96 -13.35 -32.00
C SER A 184 -21.43 -13.35 -31.99
N GLY A 185 -20.77 -12.81 -30.95
CA GLY A 185 -19.31 -13.05 -30.70
C GLY A 185 -18.61 -11.84 -31.24
N PRO A 186 -17.31 -11.90 -31.36
CA PRO A 186 -16.38 -12.93 -30.91
C PRO A 186 -16.16 -13.02 -29.38
N GLU A 187 -15.49 -14.08 -28.99
CA GLU A 187 -15.24 -14.39 -27.60
C GLU A 187 -13.83 -13.97 -27.23
N PHE A 188 -13.66 -13.45 -26.02
CA PHE A 188 -12.33 -13.08 -25.49
C PHE A 188 -12.10 -13.65 -24.10
N THR A 189 -10.83 -13.74 -23.73
CA THR A 189 -10.47 -14.15 -22.41
C THR A 189 -9.34 -13.25 -21.91
N VAL A 190 -9.45 -12.90 -20.64
CA VAL A 190 -8.56 -11.93 -20.04
C VAL A 190 -7.97 -12.54 -18.75
N ALA A 191 -6.68 -12.76 -18.78
CA ALA A 191 -6.00 -13.32 -17.67
C ALA A 191 -5.65 -12.22 -16.68
N ILE A 192 -5.77 -12.56 -15.41
CA ILE A 192 -5.40 -11.62 -14.36
C ILE A 192 -4.41 -12.21 -13.41
N LEU A 193 -3.41 -11.41 -13.06
CA LEU A 193 -2.30 -11.86 -12.23
C LEU A 193 -2.08 -10.84 -11.15
N GLY A 194 -2.52 -11.19 -9.94
CA GLY A 194 -2.51 -10.20 -8.83
C GLY A 194 -3.42 -9.03 -9.17
N ASP A 195 -2.82 -7.88 -9.38
CA ASP A 195 -3.60 -6.73 -9.83
C ASP A 195 -3.33 -6.37 -11.28
N GLU A 196 -2.42 -7.09 -11.93
CA GLU A 196 -2.12 -6.82 -13.31
C GLU A 196 -3.07 -7.58 -14.24
N VAL A 197 -3.62 -6.86 -15.20
CA VAL A 197 -4.41 -7.49 -16.31
C VAL A 197 -3.50 -7.80 -17.44
N LEU A 198 -3.44 -9.05 -17.89
CA LEU A 198 -2.60 -9.38 -19.07
C LEU A 198 -3.33 -9.16 -20.41
N PRO A 199 -2.60 -9.25 -21.55
CA PRO A 199 -3.23 -8.99 -22.87
C PRO A 199 -4.30 -10.01 -23.16
N SER A 200 -5.43 -9.53 -23.63
CA SER A 200 -6.53 -10.37 -23.96
C SER A 200 -6.24 -11.24 -25.18
N ILE A 201 -6.99 -12.32 -25.28
CA ILE A 201 -6.88 -13.24 -26.33
C ILE A 201 -8.26 -13.38 -26.95
N ARG A 202 -8.33 -13.32 -28.28
CA ARG A 202 -9.56 -13.58 -29.01
C ARG A 202 -9.59 -15.06 -29.34
N ILE A 203 -10.75 -15.64 -29.14
CA ILE A 203 -10.93 -17.07 -29.29
C ILE A 203 -11.94 -17.24 -30.41
N GLN A 204 -11.59 -17.99 -31.45
CA GLN A 204 -12.53 -18.24 -32.59
C GLN A 204 -12.90 -19.73 -32.69
N PRO A 205 -14.22 -19.99 -32.58
CA PRO A 205 -14.70 -21.37 -32.66
C PRO A 205 -14.75 -21.95 -34.09
N LYS A 220 -8.26 -27.04 -34.51
CA LYS A 220 -9.04 -26.16 -35.37
C LYS A 220 -9.60 -24.92 -34.67
N THR A 221 -9.70 -24.94 -33.35
CA THR A 221 -9.92 -23.72 -32.59
C THR A 221 -8.79 -22.73 -32.86
N GLN A 222 -9.10 -21.46 -33.00
CA GLN A 222 -8.08 -20.44 -33.23
C GLN A 222 -7.98 -19.43 -32.08
N TYR A 223 -6.75 -19.04 -31.74
CA TYR A 223 -6.49 -18.06 -30.68
C TYR A 223 -5.68 -16.93 -31.25
N PHE A 224 -6.07 -15.69 -31.00
CA PHE A 224 -5.30 -14.56 -31.44
C PHE A 224 -4.90 -13.71 -30.24
N CYS A 225 -3.59 -13.50 -30.13
CA CYS A 225 -3.04 -12.59 -29.15
C CYS A 225 -1.88 -11.88 -29.82
N PRO A 226 -1.96 -10.55 -29.99
CA PRO A 226 -3.01 -9.60 -29.55
C PRO A 226 -4.36 -9.91 -30.17
N SER A 227 -5.40 -9.42 -29.52
CA SER A 227 -6.75 -9.86 -29.85
C SER A 227 -7.27 -9.24 -31.12
N GLY A 228 -6.67 -8.12 -31.52
CA GLY A 228 -7.16 -7.35 -32.65
C GLY A 228 -7.99 -6.16 -32.25
N LEU A 229 -8.31 -6.03 -30.96
CA LEU A 229 -9.11 -4.90 -30.50
C LEU A 229 -8.28 -3.66 -30.56
N SER A 230 -8.94 -2.53 -30.73
CA SER A 230 -8.28 -1.23 -30.61
C SER A 230 -7.78 -0.99 -29.19
N ASP A 231 -6.84 -0.06 -29.03
CA ASP A 231 -6.27 0.22 -27.75
C ASP A 231 -7.33 0.66 -26.77
N GLU A 232 -8.26 1.48 -27.22
CA GLU A 232 -9.30 1.97 -26.32
C GLU A 232 -10.25 0.84 -25.87
N SER A 233 -10.59 -0.06 -26.78
CA SER A 233 -11.37 -1.23 -26.46
C SER A 233 -10.64 -2.18 -25.50
N GLU A 234 -9.34 -2.36 -25.67
CA GLU A 234 -8.55 -3.22 -24.78
C GLU A 234 -8.53 -2.65 -23.39
N GLN A 235 -8.38 -1.34 -23.27
CA GLN A 235 -8.45 -0.71 -21.96
C GLN A 235 -9.81 -0.89 -21.30
N GLN A 236 -10.88 -0.76 -22.08
CA GLN A 236 -12.22 -0.97 -21.54
C GLN A 236 -12.41 -2.38 -21.03
N LEU A 237 -11.90 -3.32 -21.83
CA LEU A 237 -12.07 -4.71 -21.54
C LEU A 237 -11.27 -5.06 -20.25
N ALA A 238 -10.05 -4.53 -20.16
CA ALA A 238 -9.16 -4.79 -19.06
C ALA A 238 -9.82 -4.27 -17.74
N ALA A 239 -10.36 -3.07 -17.79
CA ALA A 239 -11.06 -2.51 -16.61
C ALA A 239 -12.31 -3.32 -16.25
N LEU A 240 -13.08 -3.69 -17.25
CA LEU A 240 -14.27 -4.51 -17.03
C LEU A 240 -13.93 -5.88 -16.40
N ALA A 241 -12.92 -6.55 -16.96
CA ALA A 241 -12.48 -7.86 -16.49
C ALA A 241 -12.04 -7.79 -15.02
N LEU A 242 -11.26 -6.75 -14.72
CA LEU A 242 -10.80 -6.54 -13.34
C LEU A 242 -11.97 -6.35 -12.38
N GLN A 243 -12.95 -5.55 -12.76
CA GLN A 243 -14.14 -5.38 -11.94
C GLN A 243 -14.88 -6.67 -11.80
N ALA A 244 -14.95 -7.47 -12.85
CA ALA A 244 -15.72 -8.72 -12.78
C ALA A 244 -15.08 -9.69 -11.83
N TYR A 245 -13.75 -9.68 -11.83
CA TYR A 245 -12.95 -10.55 -10.99
C TYR A 245 -13.05 -10.11 -9.49
N HIS A 246 -12.85 -8.83 -9.24
CA HIS A 246 -13.03 -8.32 -7.88
C HIS A 246 -14.45 -8.50 -7.39
N ALA A 247 -15.44 -8.42 -8.27
CA ALA A 247 -16.83 -8.55 -7.84
C ALA A 247 -17.11 -9.87 -7.18
N LEU A 248 -16.46 -10.92 -7.66
CA LEU A 248 -16.67 -12.25 -7.12
C LEU A 248 -15.62 -12.59 -6.04
N ASP A 249 -14.81 -11.61 -5.63
CA ASP A 249 -13.81 -11.77 -4.55
C ASP A 249 -12.65 -12.67 -4.90
N CYS A 250 -12.32 -12.77 -6.20
CA CYS A 250 -11.17 -13.57 -6.62
C CYS A 250 -9.85 -12.90 -6.20
N SER A 251 -8.81 -13.69 -6.10
CA SER A 251 -7.48 -13.17 -5.85
C SER A 251 -6.47 -14.18 -6.31
N GLY A 252 -5.21 -13.75 -6.31
CA GLY A 252 -4.11 -14.50 -6.79
C GLY A 252 -4.00 -14.41 -8.28
N TRP A 253 -4.88 -15.13 -8.98
CA TRP A 253 -4.88 -15.10 -10.44
C TRP A 253 -6.14 -15.79 -10.92
N GLY A 254 -6.40 -15.66 -12.22
CA GLY A 254 -7.57 -16.28 -12.85
C GLY A 254 -7.75 -15.82 -14.28
N ARG A 255 -8.86 -16.22 -14.87
CA ARG A 255 -9.16 -15.87 -16.27
C ARG A 255 -10.59 -15.46 -16.36
N VAL A 256 -10.84 -14.30 -16.95
CA VAL A 256 -12.21 -13.84 -17.12
C VAL A 256 -12.64 -14.03 -18.59
N ASP A 257 -13.79 -14.63 -18.81
CA ASP A 257 -14.28 -14.86 -20.15
C ASP A 257 -15.38 -13.88 -20.48
N VAL A 258 -15.30 -13.34 -21.69
CA VAL A 258 -16.12 -12.23 -22.12
C VAL A 258 -16.55 -12.46 -23.57
N MET A 259 -17.73 -11.96 -23.92
CA MET A 259 -18.17 -12.02 -25.30
C MET A 259 -18.73 -10.71 -25.80
N GLN A 260 -18.58 -10.47 -27.10
CA GLN A 260 -19.20 -9.35 -27.75
C GLN A 260 -20.53 -9.73 -28.36
N ASP A 261 -21.43 -8.75 -28.41
CA ASP A 261 -22.58 -8.82 -29.27
C ASP A 261 -22.25 -8.12 -30.60
N ARG A 262 -23.20 -8.16 -31.53
CA ARG A 262 -22.98 -7.64 -32.91
C ARG A 262 -22.50 -6.17 -32.88
N ASP A 263 -22.97 -5.41 -31.89
CA ASP A 263 -22.63 -3.99 -31.78
C ASP A 263 -21.32 -3.70 -31.09
N GLY A 264 -20.60 -4.73 -30.67
CA GLY A 264 -19.32 -4.52 -29.99
C GLY A 264 -19.36 -4.33 -28.45
N HIS A 265 -20.53 -4.39 -27.82
CA HIS A 265 -20.64 -4.38 -26.36
C HIS A 265 -20.13 -5.67 -25.80
N PHE A 266 -19.39 -5.55 -24.68
CA PHE A 266 -18.83 -6.70 -23.98
C PHE A 266 -19.81 -7.21 -22.93
N TYR A 267 -19.85 -8.53 -22.78
CA TYR A 267 -20.67 -9.20 -21.79
C TYR A 267 -19.82 -10.22 -21.03
N LEU A 268 -20.01 -10.27 -19.72
CA LEU A 268 -19.28 -11.21 -18.90
C LEU A 268 -19.89 -12.58 -18.95
N LEU A 269 -19.07 -13.60 -19.11
CA LEU A 269 -19.56 -14.97 -19.09
C LEU A 269 -19.24 -15.67 -17.78
N GLU A 270 -17.98 -15.68 -17.37
CA GLU A 270 -17.56 -16.48 -16.23
C GLU A 270 -16.14 -16.18 -15.85
N VAL A 271 -15.78 -16.60 -14.65
CA VAL A 271 -14.41 -16.46 -14.18
C VAL A 271 -13.95 -17.83 -13.81
N ASN A 272 -12.74 -18.16 -14.23
CA ASN A 272 -12.17 -19.45 -13.94
C ASN A 272 -11.07 -19.28 -12.91
N THR A 273 -11.22 -19.95 -11.77
CA THR A 273 -10.30 -19.77 -10.65
C THR A 273 -9.14 -20.75 -10.54
N SER A 274 -9.05 -21.77 -11.41
CA SER A 274 -7.71 -22.51 -11.65
C SER A 274 -7.37 -22.83 -13.14
N PRO A 275 -6.96 -21.81 -13.89
CA PRO A 275 -6.81 -22.03 -15.33
C PRO A 275 -5.74 -23.05 -15.76
N GLY A 276 -5.87 -23.54 -16.99
CA GLY A 276 -4.92 -24.42 -17.58
C GLY A 276 -3.58 -23.77 -17.66
N MET A 277 -2.55 -24.54 -17.31
CA MET A 277 -1.19 -24.09 -17.39
C MET A 277 -0.28 -25.00 -18.26
N THR A 278 -0.84 -25.63 -19.30
CA THR A 278 -0.03 -26.35 -20.27
C THR A 278 0.65 -25.35 -21.15
N SER A 279 1.61 -25.86 -21.92
CA SER A 279 2.43 -25.07 -22.80
C SER A 279 1.57 -24.34 -23.81
N HIS A 280 0.46 -24.94 -24.22
CA HIS A 280 -0.42 -24.32 -25.20
C HIS A 280 -1.71 -23.70 -24.56
N SER A 281 -1.73 -23.50 -23.23
CA SER A 281 -2.90 -22.92 -22.56
C SER A 281 -2.99 -21.41 -22.69
N LEU A 282 -4.18 -20.88 -22.45
CA LEU A 282 -4.46 -19.46 -22.55
C LEU A 282 -3.62 -18.54 -21.64
N VAL A 283 -3.51 -18.85 -20.35
CA VAL A 283 -2.83 -17.92 -19.46
C VAL A 283 -1.37 -17.82 -19.86
N PRO A 284 -0.71 -18.95 -20.08
CA PRO A 284 0.68 -18.84 -20.55
C PRO A 284 0.82 -18.05 -21.86
N MET A 285 -0.15 -18.17 -22.76
CA MET A 285 -0.06 -17.42 -24.01
C MET A 285 -0.15 -15.94 -23.71
N ALA A 286 -1.07 -15.55 -22.85
CA ALA A 286 -1.17 -14.13 -22.52
C ALA A 286 0.06 -13.62 -21.76
N ALA A 287 0.59 -14.43 -20.84
CA ALA A 287 1.77 -14.02 -20.09
C ALA A 287 2.93 -13.78 -21.03
N ARG A 288 3.09 -14.68 -22.00
CA ARG A 288 4.17 -14.55 -23.02
C ARG A 288 4.07 -13.24 -23.75
N GLN A 289 2.91 -12.98 -24.29
CA GLN A 289 2.66 -11.67 -24.90
C GLN A 289 2.92 -10.46 -23.99
N TYR A 290 2.68 -10.63 -22.70
CA TYR A 290 2.99 -9.57 -21.72
C TYR A 290 4.50 -9.42 -21.47
N GLY A 291 5.28 -10.39 -21.90
CA GLY A 291 6.72 -10.32 -21.72
C GLY A 291 7.25 -11.22 -20.63
N LEU A 292 6.43 -12.09 -20.06
CA LEU A 292 6.90 -13.01 -19.03
C LEU A 292 7.18 -14.39 -19.61
N SER A 293 8.23 -15.02 -19.14
CA SER A 293 8.41 -16.43 -19.38
C SER A 293 7.41 -17.20 -18.51
N PHE A 294 7.23 -18.45 -18.85
CA PHE A 294 6.36 -19.29 -18.15
C PHE A 294 6.85 -19.44 -16.68
N SER A 295 8.17 -19.57 -16.50
CA SER A 295 8.78 -19.67 -15.18
C SER A 295 8.50 -18.42 -14.34
N GLN A 296 8.57 -17.26 -14.96
CA GLN A 296 8.28 -16.03 -14.23
C GLN A 296 6.80 -15.97 -13.81
N LEU A 297 5.94 -16.43 -14.71
CA LEU A 297 4.52 -16.46 -14.48
C LEU A 297 4.17 -17.25 -13.23
N VAL A 298 4.70 -18.47 -13.14
CA VAL A 298 4.39 -19.30 -12.01
C VAL A 298 5.03 -18.82 -10.74
N ALA A 299 6.24 -18.27 -10.82
CA ALA A 299 6.84 -17.66 -9.63
C ALA A 299 5.99 -16.48 -9.12
N ARG A 300 5.42 -15.70 -10.03
CA ARG A 300 4.58 -14.57 -9.64
C ARG A 300 3.30 -15.02 -8.97
N ILE A 301 2.72 -16.07 -9.52
CA ILE A 301 1.52 -16.61 -8.93
C ILE A 301 1.81 -17.09 -7.50
N LEU A 302 2.91 -17.77 -7.33
CA LEU A 302 3.28 -18.29 -5.99
C LEU A 302 3.58 -17.17 -5.02
N MET A 303 4.23 -16.12 -5.50
CA MET A 303 4.57 -15.04 -4.63
C MET A 303 3.28 -14.43 -4.08
N LEU A 304 2.16 -14.52 -4.84
CA LEU A 304 0.90 -13.94 -4.41
C LEU A 304 0.21 -14.76 -3.34
N ALA A 305 0.74 -15.93 -3.01
CA ALA A 305 0.20 -16.78 -1.97
C ALA A 305 1.00 -16.58 -0.64
N ASP A 306 0.31 -16.26 0.44
CA ASP A 306 0.99 -15.94 1.70
C ASP A 306 0.06 -16.24 2.88
N MET B 1 -26.78 -50.86 7.30
CA MET B 1 -26.26 -50.64 8.69
C MET B 1 -26.45 -49.22 9.30
N ALA B 2 -26.60 -49.16 10.62
CA ALA B 2 -26.74 -47.91 11.38
C ALA B 2 -25.54 -46.99 11.22
N GLU B 3 -25.82 -45.73 11.32
CA GLU B 3 -24.85 -44.69 11.07
C GLU B 3 -24.15 -44.19 12.31
N LYS B 4 -22.84 -43.93 12.20
CA LYS B 4 -22.11 -43.33 13.28
C LYS B 4 -22.04 -41.86 12.97
N VAL B 5 -22.54 -41.06 13.89
CA VAL B 5 -22.67 -39.66 13.67
C VAL B 5 -21.70 -38.87 14.54
N ALA B 6 -20.90 -38.01 13.92
CA ALA B 6 -20.09 -37.04 14.67
C ALA B 6 -20.77 -35.67 14.87
N VAL B 7 -20.85 -35.24 16.11
CA VAL B 7 -21.27 -33.91 16.46
C VAL B 7 -20.05 -33.07 16.69
N LEU B 8 -19.75 -32.19 15.73
CA LEU B 8 -18.61 -31.33 15.79
C LEU B 8 -18.93 -30.15 16.67
N LEU B 9 -18.05 -29.88 17.64
CA LEU B 9 -18.34 -28.90 18.65
C LEU B 9 -17.08 -28.27 19.21
N GLY B 10 -17.26 -27.15 19.90
CA GLY B 10 -16.17 -26.40 20.45
C GLY B 10 -15.39 -25.62 19.39
N GLY B 11 -14.35 -26.24 18.85
CA GLY B 11 -13.47 -25.57 17.97
C GLY B 11 -12.61 -24.47 18.55
N THR B 12 -12.11 -23.62 17.64
CA THR B 12 -11.10 -22.64 17.95
C THR B 12 -11.54 -21.26 17.64
N SER B 13 -12.81 -21.06 17.36
CA SER B 13 -13.28 -19.69 17.12
C SER B 13 -13.60 -18.97 18.43
N ALA B 14 -13.76 -17.66 18.32
CA ALA B 14 -14.28 -16.84 19.41
C ALA B 14 -15.53 -17.41 20.04
N GLU B 15 -16.32 -18.17 19.29
CA GLU B 15 -17.62 -18.68 19.81
C GLU B 15 -17.51 -20.06 20.41
N ARG B 16 -16.29 -20.52 20.65
CA ARG B 16 -16.05 -21.85 21.20
C ARG B 16 -16.95 -22.24 22.38
N GLU B 17 -17.13 -21.32 23.33
CA GLU B 17 -17.85 -21.65 24.54
C GLU B 17 -19.33 -21.85 24.24
N VAL B 18 -19.89 -21.02 23.37
CA VAL B 18 -21.27 -21.25 22.95
C VAL B 18 -21.42 -22.58 22.18
N SER B 19 -20.43 -22.91 21.34
CA SER B 19 -20.46 -24.11 20.56
C SER B 19 -20.31 -25.38 21.38
N LEU B 20 -19.51 -25.34 22.45
CA LEU B 20 -19.52 -26.47 23.42
C LEU B 20 -20.90 -26.74 23.99
N LEU B 21 -21.62 -25.68 24.33
CA LEU B 21 -22.96 -25.81 24.84
C LEU B 21 -23.93 -26.34 23.78
N SER B 22 -23.85 -25.78 22.56
CA SER B 22 -24.69 -26.25 21.45
C SER B 22 -24.44 -27.72 21.17
N GLY B 23 -23.18 -28.07 21.03
CA GLY B 23 -22.82 -29.47 20.76
C GLY B 23 -23.25 -30.43 21.85
N GLN B 24 -23.11 -29.99 23.10
CA GLN B 24 -23.53 -30.82 24.22
C GLN B 24 -25.03 -31.05 24.17
N ALA B 25 -25.80 -30.00 23.86
CA ALA B 25 -27.24 -30.16 23.80
C ALA B 25 -27.61 -31.07 22.62
N VAL B 26 -27.01 -30.83 21.45
CA VAL B 26 -27.30 -31.61 20.24
C VAL B 26 -26.98 -33.07 20.51
N LEU B 27 -25.86 -33.31 21.15
CA LEU B 27 -25.43 -34.67 21.41
C LEU B 27 -26.45 -35.40 22.26
N ALA B 28 -26.98 -34.72 23.27
CA ALA B 28 -27.97 -35.34 24.16
C ALA B 28 -29.33 -35.51 23.46
N GLY B 29 -29.69 -34.58 22.56
CA GLY B 29 -30.93 -34.70 21.77
C GLY B 29 -30.87 -35.88 20.83
N LEU B 30 -29.72 -36.06 20.18
CA LEU B 30 -29.58 -37.18 19.24
C LEU B 30 -29.63 -38.51 19.93
N LYS B 31 -28.95 -38.61 21.06
CA LYS B 31 -28.92 -39.87 21.80
C LYS B 31 -30.31 -40.24 22.34
N GLU B 32 -31.03 -39.22 22.79
CA GLU B 32 -32.43 -39.37 23.20
C GLU B 32 -33.32 -39.89 22.04
N ALA B 33 -32.97 -39.56 20.79
CA ALA B 33 -33.67 -40.08 19.60
C ALA B 33 -33.11 -41.41 19.10
N GLY B 34 -32.13 -41.96 19.82
CA GLY B 34 -31.57 -43.28 19.48
C GLY B 34 -30.50 -43.29 18.42
N ILE B 35 -29.90 -42.14 18.19
CA ILE B 35 -28.90 -41.96 17.12
C ILE B 35 -27.55 -42.23 17.74
N ASP B 36 -26.72 -42.99 17.03
CA ASP B 36 -25.40 -43.36 17.51
C ASP B 36 -24.46 -42.18 17.27
N ALA B 37 -24.54 -41.20 18.15
CA ALA B 37 -23.80 -39.99 18.03
C ALA B 37 -22.65 -39.85 19.06
N TYR B 38 -21.58 -39.18 18.66
CA TYR B 38 -20.42 -38.97 19.48
C TYR B 38 -19.99 -37.53 19.39
N GLY B 39 -19.64 -36.96 20.52
CA GLY B 39 -19.13 -35.62 20.58
C GLY B 39 -17.70 -35.63 20.08
N VAL B 40 -17.35 -34.63 19.26
CA VAL B 40 -16.01 -34.44 18.78
C VAL B 40 -15.60 -32.96 18.88
N ASP B 41 -14.74 -32.68 19.85
CA ASP B 41 -14.20 -31.35 20.09
C ASP B 41 -13.10 -31.12 19.10
N THR B 42 -13.39 -30.27 18.11
CA THR B 42 -12.50 -30.11 16.96
C THR B 42 -11.27 -29.32 17.29
N LYS B 43 -11.25 -28.70 18.47
CA LYS B 43 -9.97 -28.22 18.98
C LYS B 43 -8.93 -29.33 19.10
N ASP B 44 -9.34 -30.52 19.52
CA ASP B 44 -8.38 -31.61 19.85
C ASP B 44 -8.33 -32.68 18.81
N PHE B 45 -9.32 -32.71 17.96
CA PHE B 45 -9.40 -33.74 16.96
C PHE B 45 -9.52 -33.09 15.57
N PRO B 46 -8.66 -33.48 14.64
CA PRO B 46 -8.67 -32.82 13.35
C PRO B 46 -9.79 -33.34 12.48
N VAL B 47 -10.61 -32.45 11.95
CA VAL B 47 -11.78 -32.86 11.18
C VAL B 47 -11.40 -33.65 9.93
N THR B 48 -10.16 -33.52 9.49
CA THR B 48 -9.64 -34.35 8.38
C THR B 48 -9.57 -35.86 8.66
N GLN B 49 -9.72 -36.24 9.92
CA GLN B 49 -9.64 -37.63 10.28
C GLN B 49 -11.01 -38.29 10.53
N LEU B 50 -12.09 -37.56 10.31
CA LEU B 50 -13.41 -38.09 10.64
C LEU B 50 -13.73 -39.38 9.94
N LYS B 51 -13.37 -39.51 8.67
CA LYS B 51 -13.66 -40.75 7.92
C LYS B 51 -12.81 -41.90 8.45
N GLU B 52 -11.53 -41.63 8.64
CA GLU B 52 -10.63 -42.62 9.21
C GLU B 52 -11.13 -43.14 10.54
N GLN B 53 -11.74 -42.27 11.31
CA GLN B 53 -12.22 -42.64 12.62
C GLN B 53 -13.54 -43.41 12.55
N GLY B 54 -14.08 -43.62 11.35
CA GLY B 54 -15.29 -44.43 11.18
C GLY B 54 -16.62 -43.71 11.10
N PHE B 55 -16.64 -42.37 11.05
CA PHE B 55 -17.92 -41.67 10.99
C PHE B 55 -18.56 -41.75 9.59
N ASP B 56 -19.88 -41.82 9.57
CA ASP B 56 -20.68 -41.89 8.34
C ASP B 56 -21.35 -40.55 8.02
N LYS B 57 -21.55 -39.72 9.05
CA LYS B 57 -22.40 -38.54 8.94
C LYS B 57 -21.95 -37.56 10.00
N VAL B 58 -22.03 -36.29 9.68
CA VAL B 58 -21.61 -35.24 10.57
C VAL B 58 -22.73 -34.25 10.85
N PHE B 59 -22.95 -33.96 12.12
CA PHE B 59 -23.81 -32.86 12.56
C PHE B 59 -22.90 -31.73 12.97
N ILE B 60 -23.05 -30.59 12.31
CA ILE B 60 -22.17 -29.46 12.57
C ILE B 60 -22.81 -28.59 13.64
N ALA B 61 -22.16 -28.49 14.82
CA ALA B 61 -22.59 -27.58 15.88
C ALA B 61 -21.49 -26.56 16.24
N LEU B 62 -20.59 -26.31 15.30
CA LEU B 62 -19.59 -25.22 15.42
C LEU B 62 -20.17 -23.90 14.95
N HIS B 63 -19.65 -22.79 15.47
CA HIS B 63 -20.08 -21.49 15.09
C HIS B 63 -18.89 -20.63 14.71
N GLY B 64 -19.09 -19.69 13.79
CA GLY B 64 -18.03 -18.76 13.41
C GLY B 64 -16.95 -19.37 12.51
N ARG B 65 -15.80 -18.74 12.52
CA ARG B 65 -14.65 -19.12 11.71
C ARG B 65 -14.36 -20.60 11.83
N GLY B 66 -14.23 -21.24 10.67
CA GLY B 66 -13.96 -22.67 10.59
C GLY B 66 -15.14 -23.58 10.84
N GLY B 67 -16.31 -22.98 11.07
CA GLY B 67 -17.52 -23.76 11.26
C GLY B 67 -18.63 -23.51 10.25
N GLU B 68 -18.93 -22.23 10.00
CA GLU B 68 -20.08 -21.86 9.23
C GLU B 68 -19.70 -21.06 8.02
N ASP B 69 -18.43 -21.12 7.65
CA ASP B 69 -17.85 -20.27 6.61
C ASP B 69 -17.39 -21.00 5.35
N GLY B 70 -17.67 -22.27 5.21
CA GLY B 70 -17.28 -22.97 4.00
C GLY B 70 -16.05 -23.86 4.10
N THR B 71 -15.17 -23.51 5.01
CA THR B 71 -13.95 -24.25 5.18
C THR B 71 -14.18 -25.70 5.62
N LEU B 72 -14.87 -25.85 6.72
CA LEU B 72 -15.22 -27.17 7.22
C LEU B 72 -16.04 -27.95 6.19
N GLN B 73 -16.97 -27.26 5.54
CA GLN B 73 -17.81 -27.89 4.57
C GLN B 73 -16.93 -28.45 3.41
N GLY B 74 -15.90 -27.72 3.06
CA GLY B 74 -14.99 -28.18 2.04
C GLY B 74 -14.30 -29.46 2.44
N VAL B 75 -13.84 -29.49 3.68
CA VAL B 75 -13.16 -30.69 4.19
C VAL B 75 -14.09 -31.86 4.11
N LEU B 76 -15.34 -31.63 4.53
CA LEU B 76 -16.33 -32.70 4.49
C LEU B 76 -16.69 -33.17 3.05
N GLU B 77 -16.72 -32.26 2.11
CA GLU B 77 -16.93 -32.63 0.70
C GLU B 77 -15.73 -33.44 0.21
N PHE B 78 -14.52 -33.04 0.57
CA PHE B 78 -13.35 -33.82 0.19
C PHE B 78 -13.40 -35.25 0.73
N LEU B 79 -13.77 -35.39 1.99
CA LEU B 79 -13.98 -36.71 2.57
C LEU B 79 -15.21 -37.45 2.06
N GLN B 80 -16.12 -36.72 1.43
CA GLN B 80 -17.39 -37.28 0.97
C GLN B 80 -18.28 -37.78 2.10
N LEU B 81 -18.34 -37.03 3.19
CA LEU B 81 -19.28 -37.31 4.26
C LEU B 81 -20.46 -36.37 4.15
N PRO B 82 -21.65 -36.90 4.23
CA PRO B 82 -22.79 -36.03 4.40
C PRO B 82 -22.75 -35.25 5.70
N TYR B 83 -23.32 -34.05 5.68
CA TYR B 83 -23.29 -33.19 6.83
C TYR B 83 -24.50 -32.28 6.89
N THR B 84 -24.80 -31.78 8.07
CA THR B 84 -25.92 -30.94 8.23
C THR B 84 -25.67 -29.52 7.74
N GLY B 85 -26.75 -28.84 7.44
CA GLY B 85 -26.65 -27.40 7.10
C GLY B 85 -26.22 -27.19 5.66
N SER B 86 -25.88 -25.95 5.34
CA SER B 86 -25.61 -25.58 3.94
C SER B 86 -24.26 -26.02 3.41
N GLY B 87 -24.14 -26.01 2.07
CA GLY B 87 -22.91 -26.44 1.42
C GLY B 87 -21.87 -25.35 1.40
N VAL B 88 -20.82 -25.60 0.63
CA VAL B 88 -19.63 -24.75 0.66
C VAL B 88 -19.95 -23.33 0.28
N MET B 89 -20.60 -23.20 -0.84
CA MET B 89 -20.84 -21.91 -1.47
C MET B 89 -21.68 -21.07 -0.54
N ALA B 90 -22.82 -21.61 -0.14
CA ALA B 90 -23.75 -20.91 0.69
C ALA B 90 -23.15 -20.57 2.10
N SER B 91 -22.41 -21.52 2.66
CA SER B 91 -21.84 -21.30 4.01
C SER B 91 -20.88 -20.10 3.96
N ALA B 92 -20.08 -20.02 2.86
CA ALA B 92 -19.12 -18.92 2.69
C ALA B 92 -19.76 -17.61 2.29
N LEU B 93 -20.73 -17.69 1.42
CA LEU B 93 -21.33 -16.53 0.82
C LEU B 93 -22.05 -15.77 1.92
N THR B 94 -22.73 -16.50 2.79
CA THR B 94 -23.40 -15.89 3.95
C THR B 94 -22.50 -15.19 4.96
N MET B 95 -21.18 -15.34 4.88
CA MET B 95 -20.24 -14.53 5.68
C MET B 95 -19.89 -13.21 5.04
N ASP B 96 -20.24 -13.05 3.77
CA ASP B 96 -19.87 -11.88 3.01
C ASP B 96 -21.12 -10.99 2.88
N LYS B 97 -21.16 -9.90 3.60
CA LYS B 97 -22.37 -9.12 3.65
C LYS B 97 -22.61 -8.35 2.36
N LEU B 98 -21.55 -7.87 1.75
CA LEU B 98 -21.66 -7.28 0.42
C LEU B 98 -22.27 -8.24 -0.61
N ARG B 99 -21.73 -9.43 -0.73
CA ARG B 99 -22.17 -10.31 -1.83
C ARG B 99 -23.52 -10.91 -1.56
N THR B 100 -23.80 -11.15 -0.30
CA THR B 100 -25.14 -11.50 0.14
C THR B 100 -26.11 -10.41 -0.34
N LYS B 101 -25.80 -9.16 -0.06
CA LYS B 101 -26.70 -8.09 -0.42
C LYS B 101 -26.89 -8.02 -1.92
N LEU B 102 -25.78 -8.16 -2.66
CA LEU B 102 -25.84 -8.06 -4.12
C LEU B 102 -26.76 -9.10 -4.71
N VAL B 103 -26.66 -10.31 -4.21
CA VAL B 103 -27.49 -11.37 -4.73
C VAL B 103 -28.95 -11.05 -4.45
N TRP B 104 -29.23 -10.65 -3.21
CA TRP B 104 -30.62 -10.30 -2.84
C TRP B 104 -31.19 -9.12 -3.69
N GLN B 105 -30.38 -8.13 -3.90
CA GLN B 105 -30.72 -6.96 -4.67
C GLN B 105 -30.99 -7.29 -6.17
N ALA B 106 -30.15 -8.10 -6.79
CA ALA B 106 -30.42 -8.53 -8.17
C ALA B 106 -31.74 -9.29 -8.29
N LEU B 107 -32.16 -10.00 -7.23
CA LEU B 107 -33.43 -10.67 -7.24
C LEU B 107 -34.60 -9.79 -6.80
N GLY B 108 -34.37 -8.52 -6.58
CA GLY B 108 -35.46 -7.63 -6.17
C GLY B 108 -35.94 -7.81 -4.74
N LEU B 109 -35.12 -8.41 -3.88
CA LEU B 109 -35.49 -8.63 -2.49
C LEU B 109 -35.05 -7.37 -1.67
N PRO B 110 -35.77 -7.08 -0.58
CA PRO B 110 -35.56 -5.79 0.05
C PRO B 110 -34.38 -5.79 0.97
N ILE B 111 -33.50 -4.85 0.74
CA ILE B 111 -32.39 -4.58 1.60
C ILE B 111 -32.30 -3.08 1.82
N SER B 112 -31.64 -2.70 2.88
CA SER B 112 -31.56 -1.31 3.23
C SER B 112 -30.69 -0.63 2.18
N PRO B 113 -31.08 0.58 1.73
CA PRO B 113 -30.20 1.33 0.82
C PRO B 113 -28.79 1.47 1.39
N TYR B 114 -27.78 1.38 0.56
CA TYR B 114 -26.41 1.35 1.09
C TYR B 114 -25.46 1.75 0.01
N VAL B 115 -24.22 2.00 0.42
CA VAL B 115 -23.11 2.26 -0.46
C VAL B 115 -21.98 1.38 0.02
N ALA B 116 -21.31 0.75 -0.95
CA ALA B 116 -20.13 -0.10 -0.71
C ALA B 116 -18.92 0.71 -1.03
N LEU B 117 -17.87 0.53 -0.26
CA LEU B 117 -16.60 1.18 -0.50
C LEU B 117 -15.44 0.23 -0.29
N ASN B 118 -14.53 0.13 -1.27
CA ASN B 118 -13.26 -0.57 -1.04
C ASN B 118 -12.13 0.36 -0.55
N ARG B 119 -11.00 -0.24 -0.23
CA ARG B 119 -9.84 0.50 0.28
C ARG B 119 -9.31 1.55 -0.72
N GLN B 120 -9.32 1.19 -1.99
CA GLN B 120 -8.82 2.06 -3.05
C GLN B 120 -9.60 3.36 -3.10
N GLN B 121 -10.93 3.27 -3.06
CA GLN B 121 -11.75 4.47 -3.11
C GLN B 121 -11.54 5.28 -1.85
N PHE B 122 -11.38 4.59 -0.73
CA PHE B 122 -11.17 5.27 0.54
C PHE B 122 -9.87 6.08 0.54
N GLU B 123 -8.86 5.54 -0.13
CA GLU B 123 -7.54 6.17 -0.15
C GLU B 123 -7.50 7.35 -1.15
N THR B 124 -8.24 7.23 -2.25
CA THR B 124 -8.30 8.27 -3.31
C THR B 124 -9.44 9.31 -3.12
N LEU B 125 -10.15 9.29 -1.99
CA LEU B 125 -11.25 10.24 -1.80
C LEU B 125 -11.10 11.04 -0.50
N SER B 126 -11.48 12.32 -0.61
CA SER B 126 -11.47 13.26 0.50
C SER B 126 -12.71 13.06 1.37
N PRO B 127 -12.56 13.32 2.68
CA PRO B 127 -13.79 13.31 3.44
C PRO B 127 -14.44 14.58 3.03
N GLU B 128 -15.62 14.51 2.49
CA GLU B 128 -16.30 15.67 1.91
C GLU B 128 -16.82 15.09 0.65
N GLU B 129 -15.96 14.43 -0.12
CA GLU B 129 -16.46 13.58 -1.20
C GLU B 129 -17.08 12.27 -0.64
N LEU B 130 -16.46 11.69 0.39
CA LEU B 130 -17.05 10.55 1.09
C LEU B 130 -18.45 10.91 1.60
N VAL B 131 -18.56 12.01 2.36
CA VAL B 131 -19.86 12.53 2.80
C VAL B 131 -20.83 12.68 1.62
N ALA B 132 -20.39 13.23 0.50
CA ALA B 132 -21.26 13.36 -0.69
C ALA B 132 -21.66 11.99 -1.31
N CYS B 133 -20.74 11.02 -1.29
CA CYS B 133 -21.03 9.63 -1.72
C CYS B 133 -22.22 9.05 -0.98
N VAL B 134 -22.37 9.37 0.31
CA VAL B 134 -23.42 8.77 1.10
C VAL B 134 -24.57 9.72 1.44
N ALA B 135 -24.54 10.93 0.88
CA ALA B 135 -25.54 11.92 1.23
C ALA B 135 -26.94 11.39 0.95
N LYS B 136 -27.11 10.64 -0.14
CA LYS B 136 -28.44 10.17 -0.55
C LYS B 136 -29.06 9.14 0.41
N LEU B 137 -28.28 8.62 1.36
CA LEU B 137 -28.74 7.69 2.38
C LEU B 137 -29.43 8.38 3.55
N GLY B 138 -29.27 9.69 3.65
CA GLY B 138 -29.77 10.44 4.80
C GLY B 138 -28.99 10.12 6.06
N LEU B 139 -29.63 10.36 7.20
CA LEU B 139 -29.00 10.12 8.50
C LEU B 139 -30.03 9.57 9.47
N PRO B 140 -29.60 8.81 10.46
CA PRO B 140 -28.26 8.34 10.69
C PRO B 140 -27.93 7.12 9.78
N LEU B 141 -26.68 6.64 9.90
CA LEU B 141 -26.09 5.61 9.07
C LEU B 141 -25.40 4.55 9.93
N ILE B 142 -25.35 3.32 9.41
CA ILE B 142 -24.51 2.25 9.97
C ILE B 142 -23.33 2.05 9.05
N VAL B 143 -22.17 1.93 9.67
CA VAL B 143 -20.95 1.66 8.97
C VAL B 143 -20.38 0.36 9.51
N LYS B 144 -20.09 -0.57 8.61
CA LYS B 144 -19.56 -1.90 8.97
C LYS B 144 -18.63 -2.52 7.94
N PRO B 145 -17.72 -3.38 8.41
CA PRO B 145 -16.90 -4.21 7.53
C PRO B 145 -17.79 -5.18 6.77
N SER B 146 -17.42 -5.47 5.54
CA SER B 146 -18.18 -6.42 4.75
C SER B 146 -18.18 -7.87 5.30
N HIS B 147 -17.16 -8.26 6.05
CA HIS B 147 -17.11 -9.62 6.65
C HIS B 147 -17.30 -9.63 8.17
N VAL B 152 -17.93 -6.68 15.42
CA VAL B 152 -16.62 -5.99 15.44
C VAL B 152 -16.66 -4.44 15.07
N GLY B 153 -15.86 -4.00 14.09
CA GLY B 153 -15.71 -2.58 13.64
C GLY B 153 -16.90 -1.74 13.15
N MET B 154 -18.06 -1.91 13.79
CA MET B 154 -19.29 -1.23 13.41
C MET B 154 -19.53 0.08 14.16
N SER B 155 -20.06 1.09 13.49
CA SER B 155 -20.47 2.32 14.15
C SER B 155 -21.81 2.79 13.67
N LYS B 156 -22.52 3.48 14.57
CA LYS B 156 -23.64 4.33 14.16
C LYS B 156 -23.12 5.74 13.97
N VAL B 157 -23.40 6.31 12.81
CA VAL B 157 -23.03 7.69 12.53
C VAL B 157 -24.29 8.59 12.50
N ASP B 158 -24.29 9.63 13.36
CA ASP B 158 -25.43 10.53 13.54
C ASP B 158 -25.28 11.83 12.77
N HIS B 159 -24.04 12.25 12.56
CA HIS B 159 -23.77 13.47 11.80
C HIS B 159 -22.65 13.20 10.82
N ALA B 160 -22.74 13.87 9.67
CA ALA B 160 -21.77 13.72 8.57
C ALA B 160 -20.29 13.82 9.02
N SER B 161 -20.02 14.70 10.01
CA SER B 161 -18.67 14.87 10.54
C SER B 161 -18.13 13.60 11.23
N GLU B 162 -19.02 12.74 11.72
CA GLU B 162 -18.60 11.48 12.36
C GLU B 162 -18.22 10.36 11.36
N LEU B 163 -18.51 10.56 10.07
CA LEU B 163 -18.33 9.52 9.07
C LEU B 163 -16.89 9.01 8.97
N GLN B 164 -15.96 9.97 8.94
CA GLN B 164 -14.57 9.62 8.70
C GLN B 164 -14.06 8.64 9.72
N LYS B 165 -14.25 8.96 11.00
CA LYS B 165 -13.74 8.11 12.06
C LYS B 165 -14.32 6.70 11.94
N ALA B 166 -15.58 6.63 11.54
CA ALA B 166 -16.22 5.32 11.39
C ALA B 166 -15.59 4.52 10.24
N LEU B 167 -15.29 5.20 9.13
CA LEU B 167 -14.65 4.52 8.00
C LEU B 167 -13.26 4.01 8.36
N VAL B 168 -12.48 4.86 9.02
CA VAL B 168 -11.15 4.48 9.45
C VAL B 168 -11.20 3.24 10.32
N GLU B 169 -12.10 3.22 11.30
CA GLU B 169 -12.28 2.06 12.18
C GLU B 169 -12.64 0.80 11.39
N ALA B 170 -13.52 0.95 10.41
CA ALA B 170 -14.03 -0.20 9.66
C ALA B 170 -12.97 -0.79 8.73
N PHE B 171 -12.20 0.08 8.08
CA PHE B 171 -11.09 -0.38 7.26
C PHE B 171 -9.91 -1.00 8.04
N GLN B 172 -9.90 -0.94 9.36
CA GLN B 172 -8.94 -1.71 10.14
C GLN B 172 -9.10 -3.21 9.89
N HIS B 173 -10.35 -3.62 9.67
CA HIS B 173 -10.76 -5.01 9.75
C HIS B 173 -11.08 -5.64 8.40
N ASP B 174 -11.12 -4.84 7.34
CA ASP B 174 -11.61 -5.33 6.07
C ASP B 174 -11.24 -4.34 4.98
N SER B 175 -11.17 -4.83 3.74
CA SER B 175 -10.88 -3.97 2.59
C SER B 175 -12.17 -3.61 1.83
N ASP B 176 -13.30 -4.18 2.24
CA ASP B 176 -14.61 -3.74 1.79
C ASP B 176 -15.47 -3.30 2.99
N VAL B 177 -16.16 -2.17 2.81
CA VAL B 177 -16.93 -1.59 3.89
C VAL B 177 -18.28 -1.23 3.37
N LEU B 178 -19.27 -1.37 4.23
CA LEU B 178 -20.64 -1.01 3.87
C LEU B 178 -21.14 0.17 4.68
N ILE B 179 -21.81 1.10 3.99
CA ILE B 179 -22.49 2.21 4.65
C ILE B 179 -23.96 2.06 4.38
N GLU B 180 -24.73 1.80 5.42
CA GLU B 180 -26.16 1.54 5.23
C GLU B 180 -27.01 2.62 5.89
N LYS B 181 -28.16 2.88 5.29
CA LYS B 181 -29.19 3.66 5.94
C LYS B 181 -29.63 2.98 7.24
N TRP B 182 -29.68 3.73 8.33
CA TRP B 182 -30.16 3.19 9.62
C TRP B 182 -31.62 2.80 9.55
N LEU B 183 -31.94 1.66 10.15
CA LEU B 183 -33.31 1.15 10.21
C LEU B 183 -33.77 1.17 11.66
N SER B 184 -35.01 1.60 11.85
CA SER B 184 -35.55 1.85 13.20
C SER B 184 -35.73 0.59 14.00
N GLY B 185 -36.01 -0.50 13.31
CA GLY B 185 -36.28 -1.74 14.02
C GLY B 185 -37.77 -1.88 14.07
N PRO B 186 -38.25 -2.89 14.80
CA PRO B 186 -37.53 -3.88 15.54
C PRO B 186 -36.90 -4.99 14.64
N GLU B 187 -36.12 -5.83 15.29
CA GLU B 187 -35.40 -6.89 14.63
C GLU B 187 -36.13 -8.20 14.82
N PHE B 188 -36.14 -9.05 13.77
CA PHE B 188 -36.70 -10.38 13.85
C PHE B 188 -35.74 -11.43 13.33
N THR B 189 -36.00 -12.67 13.69
CA THR B 189 -35.30 -13.77 13.13
C THR B 189 -36.24 -14.91 12.83
N VAL B 190 -35.96 -15.58 11.73
CA VAL B 190 -36.83 -16.60 11.20
C VAL B 190 -36.01 -17.85 10.95
N ALA B 191 -36.33 -18.89 11.67
CA ALA B 191 -35.64 -20.14 11.53
C ALA B 191 -36.26 -20.95 10.38
N ILE B 192 -35.41 -21.65 9.68
CA ILE B 192 -35.88 -22.51 8.60
C ILE B 192 -35.35 -23.92 8.81
N LEU B 193 -36.23 -24.88 8.64
CA LEU B 193 -35.89 -26.26 8.81
C LEU B 193 -36.34 -27.05 7.60
N GLY B 194 -35.40 -27.45 6.78
CA GLY B 194 -35.74 -28.05 5.49
C GLY B 194 -36.49 -27.03 4.61
N ASP B 195 -37.75 -27.30 4.34
CA ASP B 195 -38.57 -26.35 3.62
C ASP B 195 -39.58 -25.63 4.52
N GLU B 196 -39.61 -25.98 5.81
CA GLU B 196 -40.57 -25.41 6.72
C GLU B 196 -39.98 -24.14 7.34
N VAL B 197 -40.77 -23.07 7.35
CA VAL B 197 -40.47 -21.84 8.07
C VAL B 197 -41.06 -21.90 9.46
N LEU B 198 -40.24 -21.68 10.49
CA LEU B 198 -40.74 -21.74 11.86
C LEU B 198 -41.23 -20.37 12.27
N PRO B 199 -41.97 -20.28 13.39
CA PRO B 199 -42.41 -19.00 13.91
C PRO B 199 -41.28 -18.03 14.20
N SER B 200 -41.51 -16.78 13.81
CA SER B 200 -40.54 -15.76 13.98
C SER B 200 -40.41 -15.32 15.41
N ILE B 201 -39.28 -14.70 15.70
CA ILE B 201 -38.95 -14.23 17.03
C ILE B 201 -38.55 -12.78 16.90
N ARG B 202 -39.09 -11.95 17.77
CA ARG B 202 -38.67 -10.57 17.87
C ARG B 202 -37.56 -10.47 18.87
N ILE B 203 -36.58 -9.68 18.54
CA ILE B 203 -35.37 -9.57 19.31
C ILE B 203 -35.19 -8.12 19.72
N GLN B 204 -35.00 -7.89 21.03
CA GLN B 204 -34.71 -6.54 21.55
C GLN B 204 -33.34 -6.53 22.18
N PRO B 205 -32.37 -5.92 21.54
CA PRO B 205 -31.05 -5.91 22.17
C PRO B 205 -31.00 -4.88 23.30
N PRO B 206 -30.11 -5.06 24.26
CA PRO B 206 -29.92 -4.08 25.33
C PRO B 206 -29.50 -2.69 24.81
N GLY B 207 -28.74 -2.62 23.70
CA GLY B 207 -28.33 -1.34 23.06
C GLY B 207 -28.66 -1.16 21.57
N VAL B 208 -27.81 -0.46 20.83
CA VAL B 208 -28.06 -0.13 19.42
C VAL B 208 -27.92 -1.31 18.46
N PHE B 209 -26.96 -2.22 18.70
CA PHE B 209 -26.68 -3.35 17.82
C PHE B 209 -26.97 -4.70 18.48
N TYR B 210 -27.64 -5.61 17.74
CA TYR B 210 -27.65 -7.05 18.11
C TYR B 210 -26.31 -7.70 17.69
N ASP B 211 -25.34 -7.50 18.56
CA ASP B 211 -23.97 -7.83 18.26
C ASP B 211 -23.52 -9.06 19.06
N TYR B 212 -22.23 -9.34 18.99
CA TYR B 212 -21.62 -10.45 19.74
C TYR B 212 -21.98 -10.37 21.24
N ASP B 213 -21.72 -9.22 21.86
CA ASP B 213 -22.01 -9.01 23.28
C ASP B 213 -23.51 -9.29 23.59
N ALA B 214 -24.43 -8.74 22.79
CA ALA B 214 -25.88 -8.97 22.96
C ALA B 214 -26.24 -10.47 22.79
N LYS B 215 -25.57 -11.17 21.86
CA LYS B 215 -25.70 -12.64 21.72
C LYS B 215 -24.91 -13.46 22.74
N LYS B 220 -29.27 -9.84 29.23
CA LYS B 220 -30.23 -8.72 29.15
C LYS B 220 -31.04 -8.64 27.82
N THR B 221 -30.56 -9.26 26.73
CA THR B 221 -31.33 -9.28 25.48
C THR B 221 -32.66 -9.95 25.68
N GLN B 222 -33.71 -9.40 25.08
CA GLN B 222 -35.04 -9.99 25.19
C GLN B 222 -35.51 -10.61 23.87
N TYR B 223 -36.20 -11.74 23.98
CA TYR B 223 -36.75 -12.45 22.83
C TYR B 223 -38.24 -12.64 23.00
N PHE B 224 -39.03 -12.37 21.97
CA PHE B 224 -40.45 -12.62 22.04
C PHE B 224 -40.88 -13.57 20.93
N CYS B 225 -41.51 -14.66 21.32
CA CYS B 225 -42.07 -15.62 20.41
C CYS B 225 -43.36 -16.09 21.02
N PRO B 226 -44.51 -15.79 20.41
CA PRO B 226 -44.73 -15.14 19.11
C PRO B 226 -44.17 -13.74 19.08
N SER B 227 -43.89 -13.27 17.87
CA SER B 227 -43.20 -12.02 17.70
C SER B 227 -44.05 -10.77 18.02
N GLY B 228 -45.36 -10.92 18.00
CA GLY B 228 -46.27 -9.77 18.14
C GLY B 228 -46.77 -9.22 16.81
N LEU B 229 -46.23 -9.72 15.71
CA LEU B 229 -46.68 -9.30 14.39
C LEU B 229 -48.10 -9.78 14.15
N SER B 230 -48.85 -9.01 13.36
CA SER B 230 -50.14 -9.47 12.80
C SER B 230 -49.95 -10.68 11.89
N ASP B 231 -51.02 -11.42 11.72
CA ASP B 231 -50.96 -12.63 10.96
C ASP B 231 -50.46 -12.35 9.53
N GLU B 232 -50.91 -11.24 8.96
CA GLU B 232 -50.58 -10.92 7.58
C GLU B 232 -49.10 -10.62 7.44
N SER B 233 -48.62 -9.84 8.39
CA SER B 233 -47.20 -9.54 8.48
C SER B 233 -46.31 -10.78 8.68
N GLU B 234 -46.75 -11.74 9.51
CA GLU B 234 -46.03 -13.00 9.69
C GLU B 234 -45.93 -13.79 8.41
N GLN B 235 -47.02 -13.87 7.68
CA GLN B 235 -47.03 -14.58 6.40
C GLN B 235 -46.07 -13.94 5.42
N GLN B 236 -46.07 -12.60 5.36
CA GLN B 236 -45.16 -11.91 4.49
C GLN B 236 -43.70 -12.16 4.85
N LEU B 237 -43.44 -12.17 6.16
CA LEU B 237 -42.09 -12.35 6.67
C LEU B 237 -41.59 -13.79 6.41
N ALA B 238 -42.46 -14.75 6.58
CA ALA B 238 -42.16 -16.13 6.32
C ALA B 238 -41.77 -16.35 4.85
N ALA B 239 -42.58 -15.83 3.95
CA ALA B 239 -42.33 -15.99 2.50
C ALA B 239 -41.04 -15.28 2.08
N LEU B 240 -40.85 -14.10 2.60
CA LEU B 240 -39.63 -13.36 2.34
C LEU B 240 -38.37 -14.11 2.84
N ALA B 241 -38.43 -14.62 4.07
CA ALA B 241 -37.31 -15.31 4.66
C ALA B 241 -36.92 -16.55 3.82
N LEU B 242 -37.92 -17.28 3.42
CA LEU B 242 -37.68 -18.45 2.57
C LEU B 242 -37.01 -18.10 1.26
N GLN B 243 -37.46 -17.01 0.64
CA GLN B 243 -36.81 -16.56 -0.59
C GLN B 243 -35.43 -16.15 -0.34
N ALA B 244 -35.20 -15.48 0.78
CA ALA B 244 -33.85 -14.98 1.07
C ALA B 244 -32.87 -16.15 1.25
N TYR B 245 -33.38 -17.23 1.79
CA TYR B 245 -32.59 -18.38 2.09
C TYR B 245 -32.29 -19.20 0.81
N HIS B 246 -33.31 -19.46 0.04
CA HIS B 246 -33.09 -20.05 -1.30
C HIS B 246 -32.26 -19.19 -2.18
N ALA B 247 -32.32 -17.87 -2.03
CA ALA B 247 -31.48 -17.03 -2.89
C ALA B 247 -29.99 -17.28 -2.74
N LEU B 248 -29.58 -17.58 -1.51
CA LEU B 248 -28.15 -17.79 -1.25
C LEU B 248 -27.76 -19.28 -1.34
N ASP B 249 -28.69 -20.12 -1.80
CA ASP B 249 -28.45 -21.54 -1.99
C ASP B 249 -28.27 -22.31 -0.68
N CYS B 250 -28.90 -21.87 0.39
CA CYS B 250 -28.83 -22.56 1.66
C CYS B 250 -29.65 -23.80 1.61
N SER B 251 -29.31 -24.75 2.46
CA SER B 251 -30.14 -25.96 2.63
C SER B 251 -29.89 -26.57 4.00
N GLY B 252 -30.76 -27.52 4.34
CA GLY B 252 -30.75 -28.19 5.60
C GLY B 252 -31.50 -27.38 6.64
N TRP B 253 -30.88 -26.31 7.13
CA TRP B 253 -31.52 -25.45 8.09
C TRP B 253 -30.70 -24.20 8.24
N GLY B 254 -31.27 -23.20 8.92
CA GLY B 254 -30.59 -21.94 9.12
C GLY B 254 -31.53 -20.91 9.75
N ARG B 255 -31.05 -19.69 9.85
CA ARG B 255 -31.80 -18.63 10.47
C ARG B 255 -31.67 -17.43 9.58
N VAL B 256 -32.77 -16.77 9.28
CA VAL B 256 -32.71 -15.51 8.51
C VAL B 256 -33.00 -14.32 9.42
N ASP B 257 -32.15 -13.29 9.39
CA ASP B 257 -32.34 -12.11 10.20
C ASP B 257 -32.83 -10.95 9.39
N VAL B 258 -33.78 -10.25 9.97
CA VAL B 258 -34.60 -9.28 9.26
C VAL B 258 -34.88 -8.10 10.17
N MET B 259 -35.02 -6.91 9.59
CA MET B 259 -35.39 -5.73 10.37
C MET B 259 -36.49 -4.94 9.70
N GLN B 260 -37.32 -4.33 10.53
CA GLN B 260 -38.30 -3.40 10.04
C GLN B 260 -37.75 -2.02 9.99
N ASP B 261 -38.30 -1.22 9.08
CA ASP B 261 -38.10 0.20 9.18
C ASP B 261 -39.32 0.85 9.74
N ARG B 262 -39.26 2.17 9.84
CA ARG B 262 -40.30 3.02 10.37
C ARG B 262 -41.62 2.77 9.62
N ASP B 263 -41.55 2.47 8.32
CA ASP B 263 -42.70 2.17 7.51
C ASP B 263 -43.34 0.78 7.75
N GLY B 264 -42.71 -0.10 8.52
CA GLY B 264 -43.22 -1.47 8.75
C GLY B 264 -42.83 -2.46 7.67
N HIS B 265 -42.12 -2.02 6.65
CA HIS B 265 -41.52 -2.95 5.69
C HIS B 265 -40.31 -3.69 6.26
N PHE B 266 -40.16 -4.93 5.82
CA PHE B 266 -39.03 -5.76 6.21
C PHE B 266 -37.83 -5.59 5.29
N TYR B 267 -36.65 -5.68 5.89
CA TYR B 267 -35.36 -5.68 5.19
C TYR B 267 -34.45 -6.80 5.66
N LEU B 268 -33.81 -7.43 4.68
CA LEU B 268 -32.97 -8.61 4.98
C LEU B 268 -31.63 -8.16 5.47
N LEU B 269 -31.16 -8.76 6.58
CA LEU B 269 -29.84 -8.48 7.09
C LEU B 269 -28.86 -9.56 6.69
N GLU B 270 -29.16 -10.81 7.00
CA GLU B 270 -28.18 -11.88 6.87
C GLU B 270 -28.79 -13.24 7.11
N VAL B 271 -28.08 -14.28 6.66
CA VAL B 271 -28.50 -15.63 6.94
C VAL B 271 -27.37 -16.29 7.66
N ASN B 272 -27.72 -17.03 8.71
CA ASN B 272 -26.76 -17.74 9.53
C ASN B 272 -26.86 -19.21 9.22
N THR B 273 -25.77 -19.78 8.75
CA THR B 273 -25.79 -21.15 8.32
C THR B 273 -25.35 -22.19 9.38
N SER B 274 -24.95 -21.79 10.59
CA SER B 274 -24.86 -22.78 11.77
C SER B 274 -25.36 -22.25 13.13
N PRO B 275 -26.68 -22.16 13.31
CA PRO B 275 -27.15 -21.40 14.42
C PRO B 275 -26.89 -22.04 15.78
N GLY B 276 -26.97 -21.21 16.81
CA GLY B 276 -26.84 -21.65 18.18
C GLY B 276 -27.90 -22.67 18.52
N MET B 277 -27.48 -23.73 19.20
CA MET B 277 -28.40 -24.77 19.64
C MET B 277 -28.38 -24.99 21.16
N THR B 278 -28.10 -23.95 21.94
CA THR B 278 -28.15 -24.08 23.39
C THR B 278 -29.59 -24.10 23.74
N SER B 279 -29.87 -24.43 24.99
CA SER B 279 -31.23 -24.51 25.52
C SER B 279 -31.93 -23.16 25.39
N HIS B 280 -31.17 -22.07 25.50
CA HIS B 280 -31.73 -20.74 25.39
C HIS B 280 -31.51 -20.08 24.01
N SER B 281 -31.08 -20.83 23.00
CA SER B 281 -30.85 -20.27 21.64
C SER B 281 -32.14 -20.07 20.80
N LEU B 282 -32.01 -19.26 19.78
CA LEU B 282 -33.15 -18.87 18.90
C LEU B 282 -33.85 -20.02 18.19
N VAL B 283 -33.10 -20.90 17.53
CA VAL B 283 -33.75 -21.94 16.76
C VAL B 283 -34.55 -22.88 17.67
N PRO B 284 -33.94 -23.37 18.76
CA PRO B 284 -34.74 -24.22 19.69
C PRO B 284 -35.98 -23.50 20.22
N MET B 285 -35.87 -22.23 20.49
CA MET B 285 -37.05 -21.50 20.91
C MET B 285 -38.14 -21.53 19.83
N ALA B 286 -37.76 -21.27 18.59
CA ALA B 286 -38.75 -21.24 17.53
C ALA B 286 -39.32 -22.62 17.30
N ALA B 287 -38.47 -23.64 17.38
CA ALA B 287 -38.92 -25.01 17.17
C ALA B 287 -39.96 -25.36 18.21
N ARG B 288 -39.69 -24.97 19.46
CA ARG B 288 -40.60 -25.27 20.58
C ARG B 288 -41.97 -24.66 20.34
N GLN B 289 -41.99 -23.36 20.05
CA GLN B 289 -43.21 -22.69 19.57
C GLN B 289 -43.90 -23.34 18.38
N TYR B 290 -43.13 -23.90 17.46
CA TYR B 290 -43.70 -24.67 16.34
C TYR B 290 -44.30 -26.02 16.76
N GLY B 291 -43.95 -26.51 17.94
CA GLY B 291 -44.49 -27.80 18.40
C GLY B 291 -43.50 -28.97 18.38
N LEU B 292 -42.22 -28.70 18.15
CA LEU B 292 -41.19 -29.73 18.23
C LEU B 292 -40.40 -29.69 19.52
N SER B 293 -40.06 -30.87 20.05
CA SER B 293 -39.09 -30.97 21.14
C SER B 293 -37.68 -30.73 20.55
N PHE B 294 -36.73 -30.46 21.45
CA PHE B 294 -35.37 -30.24 21.04
C PHE B 294 -34.87 -31.52 20.28
N SER B 295 -35.20 -32.69 20.84
CA SER B 295 -34.71 -33.95 20.31
C SER B 295 -35.27 -34.16 18.90
N GLN B 296 -36.52 -33.79 18.70
CA GLN B 296 -37.12 -33.94 17.37
C GLN B 296 -36.46 -32.99 16.38
N LEU B 297 -36.19 -31.78 16.83
CA LEU B 297 -35.52 -30.80 16.03
C LEU B 297 -34.21 -31.37 15.49
N VAL B 298 -33.37 -31.87 16.37
CA VAL B 298 -32.05 -32.28 15.94
C VAL B 298 -32.12 -33.51 15.10
N ALA B 299 -33.03 -34.40 15.42
CA ALA B 299 -33.20 -35.59 14.56
C ALA B 299 -33.68 -35.18 13.18
N ARG B 300 -34.52 -34.16 13.12
CA ARG B 300 -34.94 -33.69 11.83
C ARG B 300 -33.83 -33.04 11.03
N ILE B 301 -33.00 -32.24 11.69
CA ILE B 301 -31.87 -31.59 11.00
C ILE B 301 -30.95 -32.65 10.41
N LEU B 302 -30.71 -33.71 11.19
CA LEU B 302 -29.85 -34.78 10.74
C LEU B 302 -30.45 -35.53 9.56
N MET B 303 -31.74 -35.73 9.61
CA MET B 303 -32.40 -36.45 8.56
C MET B 303 -32.29 -35.68 7.25
N LEU B 304 -32.16 -34.35 7.32
CA LEU B 304 -32.04 -33.51 6.11
C LEU B 304 -30.65 -33.40 5.57
N ALA B 305 -29.70 -34.13 6.14
CA ALA B 305 -28.38 -34.22 5.56
C ALA B 305 -28.34 -35.36 4.56
N ASP B 306 -27.97 -35.04 3.31
CA ASP B 306 -27.98 -35.93 2.15
C ASP B 306 -29.21 -35.90 1.22
N MET C 1 2.72 -4.13 -20.88
CA MET C 1 3.87 -5.07 -20.69
C MET C 1 4.53 -5.16 -19.29
N ALA C 2 5.04 -6.34 -18.94
CA ALA C 2 5.74 -6.52 -17.66
C ALA C 2 6.91 -5.58 -17.47
N GLU C 3 7.14 -5.24 -16.22
CA GLU C 3 8.16 -4.28 -15.90
C GLU C 3 9.53 -4.90 -16.02
N LYS C 4 10.47 -4.16 -16.57
CA LYS C 4 11.83 -4.59 -16.63
C LYS C 4 12.54 -3.86 -15.54
N VAL C 5 13.16 -4.61 -14.64
CA VAL C 5 13.74 -4.04 -13.42
C VAL C 5 15.24 -4.14 -13.45
N ALA C 6 15.90 -3.00 -13.30
CA ALA C 6 17.36 -2.97 -13.15
C ALA C 6 17.77 -3.01 -11.65
N VAL C 7 18.59 -3.98 -11.32
CA VAL C 7 19.26 -4.04 -10.05
C VAL C 7 20.66 -3.42 -10.25
N LEU C 8 20.83 -2.20 -9.73
CA LEU C 8 22.10 -1.51 -9.77
C LEU C 8 22.99 -2.04 -8.70
N LEU C 9 24.20 -2.43 -9.08
CA LEU C 9 25.09 -3.15 -8.17
C LEU C 9 26.53 -2.90 -8.52
N GLY C 10 27.40 -3.18 -7.56
CA GLY C 10 28.82 -2.98 -7.73
C GLY C 10 29.24 -1.54 -7.58
N GLY C 11 29.29 -0.84 -8.70
CA GLY C 11 29.76 0.54 -8.69
C GLY C 11 31.23 0.74 -8.41
N THR C 12 31.55 1.98 -8.03
CA THR C 12 32.95 2.38 -7.87
C THR C 12 33.28 2.83 -6.45
N SER C 13 32.38 2.66 -5.51
CA SER C 13 32.69 3.08 -4.15
C SER C 13 33.53 2.06 -3.43
N ALA C 14 34.09 2.46 -2.31
CA ALA C 14 34.84 1.55 -1.46
C ALA C 14 34.05 0.28 -1.15
N GLU C 15 32.72 0.36 -1.14
CA GLU C 15 31.88 -0.78 -0.77
C GLU C 15 31.47 -1.66 -1.97
N ARG C 16 32.11 -1.46 -3.13
CA ARG C 16 31.84 -2.26 -4.31
C ARG C 16 31.62 -3.76 -4.09
N GLU C 17 32.52 -4.39 -3.33
CA GLU C 17 32.49 -5.86 -3.19
C GLU C 17 31.26 -6.26 -2.40
N VAL C 18 30.90 -5.48 -1.39
CA VAL C 18 29.69 -5.77 -0.64
C VAL C 18 28.46 -5.58 -1.52
N SER C 19 28.48 -4.51 -2.31
CA SER C 19 27.38 -4.24 -3.23
C SER C 19 27.20 -5.29 -4.35
N LEU C 20 28.28 -5.85 -4.87
CA LEU C 20 28.16 -7.03 -5.78
C LEU C 20 27.43 -8.19 -5.16
N LEU C 21 27.74 -8.46 -3.89
CA LEU C 21 27.03 -9.51 -3.16
C LEU C 21 25.54 -9.14 -2.91
N SER C 22 25.28 -7.92 -2.43
CA SER C 22 23.91 -7.44 -2.22
C SER C 22 23.13 -7.61 -3.52
N GLY C 23 23.68 -7.08 -4.60
CA GLY C 23 22.98 -7.08 -5.87
C GLY C 23 22.71 -8.50 -6.34
N GLN C 24 23.68 -9.38 -6.13
CA GLN C 24 23.52 -10.76 -6.52
C GLN C 24 22.37 -11.44 -5.73
N ALA C 25 22.29 -11.13 -4.43
CA ALA C 25 21.25 -11.75 -3.62
C ALA C 25 19.91 -11.19 -4.00
N VAL C 26 19.86 -9.87 -4.20
CA VAL C 26 18.60 -9.20 -4.57
C VAL C 26 18.14 -9.81 -5.87
N LEU C 27 19.06 -10.00 -6.80
CA LEU C 27 18.68 -10.56 -8.13
C LEU C 27 18.02 -11.91 -7.99
N ALA C 28 18.60 -12.76 -7.15
CA ALA C 28 18.05 -14.10 -6.91
C ALA C 28 16.73 -14.06 -6.20
N GLY C 29 16.56 -13.09 -5.31
CA GLY C 29 15.27 -12.94 -4.61
C GLY C 29 14.19 -12.50 -5.59
N LEU C 30 14.52 -11.55 -6.45
CA LEU C 30 13.52 -10.97 -7.36
C LEU C 30 13.11 -12.02 -8.35
N LYS C 31 14.07 -12.82 -8.81
CA LYS C 31 13.77 -13.89 -9.79
C LYS C 31 12.88 -14.98 -9.19
N GLU C 32 13.16 -15.32 -7.96
CA GLU C 32 12.34 -16.21 -7.22
C GLU C 32 10.89 -15.68 -7.04
N ALA C 33 10.69 -14.37 -7.03
CA ALA C 33 9.34 -13.78 -6.98
C ALA C 33 8.73 -13.56 -8.39
N GLY C 34 9.41 -14.02 -9.43
CA GLY C 34 8.87 -13.90 -10.78
C GLY C 34 9.05 -12.51 -11.43
N ILE C 35 9.97 -11.69 -10.91
CA ILE C 35 10.16 -10.32 -11.40
C ILE C 35 11.23 -10.38 -12.50
N ASP C 36 11.00 -9.65 -13.58
CA ASP C 36 11.91 -9.63 -14.71
C ASP C 36 13.05 -8.66 -14.42
N ALA C 37 14.04 -9.15 -13.69
CA ALA C 37 15.12 -8.33 -13.19
C ALA C 37 16.47 -8.65 -13.83
N TYR C 38 17.28 -7.62 -14.03
CA TYR C 38 18.59 -7.73 -14.68
C TYR C 38 19.64 -7.03 -13.85
N GLY C 39 20.77 -7.69 -13.68
CA GLY C 39 21.87 -7.11 -12.92
C GLY C 39 22.60 -6.10 -13.78
N VAL C 40 22.89 -4.94 -13.20
CA VAL C 40 23.58 -3.87 -13.90
C VAL C 40 24.71 -3.33 -13.05
N ASP C 41 25.93 -3.70 -13.43
CA ASP C 41 27.14 -3.27 -12.73
C ASP C 41 27.45 -1.88 -13.23
N THR C 42 27.27 -0.90 -12.34
CA THR C 42 27.32 0.50 -12.75
C THR C 42 28.71 0.97 -12.95
N LYS C 43 29.67 0.15 -12.56
CA LYS C 43 31.06 0.41 -12.99
C LYS C 43 31.18 0.41 -14.51
N ASP C 44 30.47 -0.49 -15.20
CA ASP C 44 30.60 -0.66 -16.66
C ASP C 44 29.47 -0.03 -17.45
N PHE C 45 28.36 0.25 -16.80
CA PHE C 45 27.19 0.72 -17.49
C PHE C 45 26.77 2.07 -16.87
N PRO C 46 26.60 3.11 -17.70
CA PRO C 46 26.28 4.42 -17.15
C PRO C 46 24.80 4.52 -16.78
N VAL C 47 24.52 4.91 -15.53
CA VAL C 47 23.15 4.92 -15.05
C VAL C 47 22.29 5.86 -15.84
N THR C 48 22.91 6.83 -16.51
CA THR C 48 22.17 7.76 -17.40
C THR C 48 21.51 7.10 -18.62
N GLN C 49 21.87 5.86 -18.91
CA GLN C 49 21.32 5.15 -20.06
C GLN C 49 20.25 4.10 -19.68
N LEU C 50 19.83 4.08 -18.41
CA LEU C 50 18.85 3.05 -17.97
C LEU C 50 17.52 3.12 -18.70
N LYS C 51 17.01 4.32 -18.95
CA LYS C 51 15.77 4.45 -19.71
C LYS C 51 15.94 4.06 -21.18
N GLU C 52 17.00 4.54 -21.81
CA GLU C 52 17.30 4.16 -23.19
C GLU C 52 17.35 2.65 -23.34
N GLN C 53 17.88 1.96 -22.33
CA GLN C 53 18.07 0.54 -22.41
C GLN C 53 16.73 -0.20 -22.20
N GLY C 54 15.66 0.54 -21.87
CA GLY C 54 14.34 -0.09 -21.71
C GLY C 54 13.90 -0.46 -20.30
N PHE C 55 14.61 -0.02 -19.27
CA PHE C 55 14.17 -0.32 -17.90
C PHE C 55 13.02 0.55 -17.48
N ASP C 56 12.14 -0.02 -16.66
CA ASP C 56 10.94 0.69 -16.17
C ASP C 56 11.07 1.06 -14.71
N LYS C 57 11.95 0.37 -14.01
CA LYS C 57 12.03 0.44 -12.54
C LYS C 57 13.44 0.03 -12.11
N VAL C 58 13.93 0.68 -11.06
CA VAL C 58 15.28 0.43 -10.57
C VAL C 58 15.32 0.03 -9.11
N PHE C 59 16.01 -1.06 -8.82
CA PHE C 59 16.27 -1.47 -7.49
C PHE C 59 17.72 -1.10 -7.19
N ILE C 60 17.91 -0.24 -6.19
CA ILE C 60 19.22 0.25 -5.88
C ILE C 60 19.87 -0.64 -4.83
N ALA C 61 20.95 -1.32 -5.21
CA ALA C 61 21.67 -2.17 -4.32
C ALA C 61 23.13 -1.73 -4.24
N LEU C 62 23.38 -0.46 -4.58
CA LEU C 62 24.68 0.21 -4.38
C LEU C 62 24.79 0.72 -2.96
N HIS C 63 26.02 0.86 -2.47
CA HIS C 63 26.27 1.41 -1.15
C HIS C 63 27.34 2.51 -1.23
N GLY C 64 27.26 3.49 -0.34
CA GLY C 64 28.30 4.52 -0.29
C GLY C 64 28.16 5.58 -1.37
N ARG C 65 29.27 6.27 -1.59
CA ARG C 65 29.37 7.32 -2.56
C ARG C 65 28.79 6.89 -3.94
N GLY C 66 27.93 7.74 -4.48
CA GLY C 66 27.25 7.51 -5.75
C GLY C 66 26.10 6.49 -5.68
N GLY C 67 25.81 5.99 -4.49
CA GLY C 67 24.71 5.05 -4.32
C GLY C 67 23.62 5.54 -3.40
N GLU C 68 24.01 6.08 -2.25
CA GLU C 68 23.09 6.36 -1.20
C GLU C 68 23.19 7.81 -0.73
N ASP C 69 23.76 8.68 -1.59
CA ASP C 69 24.06 10.06 -1.28
C ASP C 69 23.28 11.09 -2.08
N GLY C 70 22.31 10.69 -2.85
CA GLY C 70 21.50 11.69 -3.59
C GLY C 70 21.83 11.83 -5.06
N THR C 71 23.07 11.50 -5.43
CA THR C 71 23.50 11.75 -6.78
C THR C 71 22.77 10.81 -7.72
N LEU C 72 22.84 9.52 -7.45
CA LEU C 72 22.12 8.56 -8.22
C LEU C 72 20.62 8.87 -8.26
N GLN C 73 20.07 9.24 -7.11
CA GLN C 73 18.66 9.48 -7.03
C GLN C 73 18.29 10.64 -7.95
N GLY C 74 19.15 11.63 -8.03
CA GLY C 74 18.93 12.72 -8.91
C GLY C 74 18.84 12.30 -10.36
N VAL C 75 19.81 11.49 -10.78
CA VAL C 75 19.79 10.96 -12.13
C VAL C 75 18.48 10.27 -12.40
N LEU C 76 18.04 9.43 -11.45
CA LEU C 76 16.82 8.67 -11.64
C LEU C 76 15.58 9.55 -11.69
N GLU C 77 15.55 10.60 -10.88
CA GLU C 77 14.46 11.54 -10.93
C GLU C 77 14.49 12.14 -12.34
N PHE C 78 15.66 12.53 -12.82
CA PHE C 78 15.71 13.19 -14.11
C PHE C 78 15.14 12.28 -15.20
N LEU C 79 15.53 11.01 -15.18
CA LEU C 79 14.99 10.03 -16.10
C LEU C 79 13.56 9.62 -15.82
N GLN C 80 13.03 10.01 -14.66
CA GLN C 80 11.68 9.70 -14.25
C GLN C 80 11.43 8.19 -14.15
N LEU C 81 12.41 7.49 -13.61
CA LEU C 81 12.24 6.09 -13.28
C LEU C 81 11.97 5.95 -11.80
N PRO C 82 10.93 5.23 -11.45
CA PRO C 82 10.74 4.86 -10.06
C PRO C 82 11.90 3.99 -9.54
N TYR C 83 12.25 4.19 -8.28
CA TYR C 83 13.40 3.57 -7.71
C TYR C 83 13.20 3.31 -6.24
N THR C 84 13.95 2.35 -5.73
CA THR C 84 13.76 1.93 -4.39
C THR C 84 14.47 2.89 -3.44
N GLY C 85 13.99 2.91 -2.21
CA GLY C 85 14.64 3.71 -1.15
C GLY C 85 14.25 5.18 -1.15
N SER C 86 14.98 5.97 -0.36
CA SER C 86 14.68 7.39 -0.19
C SER C 86 15.03 8.27 -1.42
N GLY C 87 14.42 9.46 -1.45
CA GLY C 87 14.62 10.40 -2.49
C GLY C 87 15.90 11.21 -2.32
N VAL C 88 16.01 12.24 -3.14
CA VAL C 88 17.26 12.98 -3.26
C VAL C 88 17.68 13.61 -1.92
N MET C 89 16.75 14.36 -1.35
CA MET C 89 17.01 15.18 -0.19
C MET C 89 17.42 14.27 0.97
N ALA C 90 16.61 13.28 1.24
CA ALA C 90 16.87 12.38 2.35
C ALA C 90 18.14 11.55 2.15
N SER C 91 18.35 11.08 0.92
CA SER C 91 19.58 10.29 0.67
C SER C 91 20.84 11.08 0.97
N ALA C 92 20.84 12.36 0.52
CA ALA C 92 21.99 13.25 0.73
C ALA C 92 22.12 13.74 2.19
N LEU C 93 20.99 14.06 2.82
CA LEU C 93 20.96 14.63 4.17
C LEU C 93 21.51 13.60 5.16
N THR C 94 21.12 12.35 4.97
CA THR C 94 21.65 11.28 5.80
C THR C 94 23.14 11.03 5.70
N MET C 95 23.83 11.57 4.70
CA MET C 95 25.31 11.51 4.67
C MET C 95 25.92 12.65 5.47
N ASP C 96 25.14 13.64 5.90
CA ASP C 96 25.68 14.82 6.59
C ASP C 96 25.34 14.70 8.08
N LYS C 97 26.30 14.27 8.87
CA LYS C 97 26.01 13.92 10.24
C LYS C 97 25.69 15.16 11.00
N LEU C 98 26.37 16.25 10.71
CA LEU C 98 26.01 17.52 11.32
C LEU C 98 24.56 17.88 11.08
N ARG C 99 24.12 17.88 9.83
CA ARG C 99 22.77 18.40 9.58
C ARG C 99 21.69 17.42 9.99
N THR C 100 21.99 16.15 9.88
CA THR C 100 21.15 15.13 10.47
C THR C 100 20.92 15.49 11.96
N LYS C 101 21.99 15.75 12.66
CA LYS C 101 21.89 15.97 14.10
C LYS C 101 21.08 17.23 14.39
N LEU C 102 21.30 18.27 13.61
CA LEU C 102 20.61 19.53 13.80
C LEU C 102 19.14 19.35 13.63
N VAL C 103 18.73 18.58 12.63
CA VAL C 103 17.30 18.41 12.39
C VAL C 103 16.71 17.64 13.58
N TRP C 104 17.38 16.57 13.98
CA TRP C 104 16.86 15.74 15.09
C TRP C 104 16.72 16.56 16.39
N GLN C 105 17.73 17.37 16.66
CA GLN C 105 17.82 18.17 17.85
C GLN C 105 16.68 19.22 17.87
N ALA C 106 16.39 19.84 16.72
CA ALA C 106 15.33 20.80 16.67
C ALA C 106 14.00 20.17 16.95
N LEU C 107 13.83 18.91 16.56
CA LEU C 107 12.60 18.18 16.85
C LEU C 107 12.60 17.57 18.27
N GLY C 108 13.61 17.83 19.08
CA GLY C 108 13.61 17.31 20.45
C GLY C 108 13.97 15.83 20.56
N LEU C 109 14.60 15.27 19.51
CA LEU C 109 14.92 13.86 19.48
C LEU C 109 16.35 13.68 20.06
N PRO C 110 16.61 12.56 20.71
CA PRO C 110 17.81 12.49 21.51
C PRO C 110 19.05 12.15 20.72
N ILE C 111 20.07 12.96 20.91
CA ILE C 111 21.38 12.74 20.35
C ILE C 111 22.44 13.03 21.42
N SER C 112 23.63 12.51 21.21
CA SER C 112 24.68 12.66 22.16
C SER C 112 25.13 14.10 22.17
N PRO C 113 25.44 14.65 23.36
CA PRO C 113 26.03 16.00 23.37
C PRO C 113 27.27 16.06 22.45
N TYR C 114 27.47 17.19 21.76
CA TYR C 114 28.58 17.25 20.86
C TYR C 114 28.91 18.72 20.61
N VAL C 115 30.03 18.93 19.92
CA VAL C 115 30.47 20.19 19.42
C VAL C 115 30.89 19.96 17.98
N ALA C 116 30.51 20.92 17.14
CA ALA C 116 30.86 20.95 15.73
C ALA C 116 31.96 21.96 15.52
N LEU C 117 32.88 21.67 14.60
CA LEU C 117 33.98 22.53 14.26
C LEU C 117 34.28 22.53 12.77
N ASN C 118 34.39 23.70 12.17
CA ASN C 118 34.91 23.80 10.81
C ASN C 118 36.42 24.03 10.73
N ARG C 119 36.94 24.02 9.50
CA ARG C 119 38.37 24.25 9.24
C ARG C 119 38.87 25.63 9.69
N GLN C 120 38.03 26.66 9.48
CA GLN C 120 38.37 28.03 9.85
C GLN C 120 38.57 28.18 11.37
N GLN C 121 37.70 27.58 12.19
CA GLN C 121 37.87 27.61 13.64
C GLN C 121 39.12 26.81 14.04
N PHE C 122 39.34 25.69 13.38
CA PHE C 122 40.49 24.86 13.66
C PHE C 122 41.81 25.60 13.41
N GLU C 123 41.82 26.43 12.38
CA GLU C 123 43.04 27.11 11.95
C GLU C 123 43.29 28.33 12.86
N THR C 124 42.22 28.96 13.34
CA THR C 124 42.30 30.14 14.20
C THR C 124 42.32 29.84 15.71
N LEU C 125 42.36 28.58 16.11
CA LEU C 125 42.32 28.25 17.56
C LEU C 125 43.48 27.36 17.97
N SER C 126 43.97 27.64 19.17
CA SER C 126 45.09 26.91 19.74
C SER C 126 44.60 25.62 20.35
N PRO C 127 45.48 24.62 20.42
CA PRO C 127 45.17 23.35 21.10
C PRO C 127 44.48 23.50 22.43
N GLU C 128 44.93 24.48 23.22
CA GLU C 128 44.38 24.73 24.58
C GLU C 128 42.95 25.28 24.51
N GLU C 129 42.65 26.13 23.53
CA GLU C 129 41.26 26.60 23.37
C GLU C 129 40.35 25.49 22.81
N LEU C 130 40.89 24.67 21.92
CA LEU C 130 40.15 23.52 21.42
C LEU C 130 39.73 22.65 22.60
N VAL C 131 40.69 22.26 23.44
CA VAL C 131 40.40 21.53 24.68
C VAL C 131 39.31 22.21 25.46
N ALA C 132 39.38 23.52 25.63
CA ALA C 132 38.33 24.25 26.41
C ALA C 132 36.98 24.25 25.70
N CYS C 133 36.98 24.33 24.36
CA CYS C 133 35.74 24.18 23.56
C CYS C 133 34.98 22.89 23.89
N VAL C 134 35.69 21.81 24.16
CA VAL C 134 35.02 20.52 24.37
C VAL C 134 35.04 20.06 25.82
N ALA C 135 35.53 20.90 26.71
CA ALA C 135 35.69 20.48 28.12
C ALA C 135 34.39 19.99 28.68
N LYS C 136 33.28 20.64 28.28
CA LYS C 136 31.95 20.30 28.84
C LYS C 136 31.42 18.92 28.48
N LEU C 137 32.06 18.27 27.49
CA LEU C 137 31.66 16.94 27.01
C LEU C 137 32.26 15.85 27.89
N GLY C 138 33.25 16.18 28.71
CA GLY C 138 33.97 15.20 29.53
C GLY C 138 34.92 14.35 28.73
N LEU C 139 35.30 13.21 29.28
CA LEU C 139 36.17 12.24 28.59
C LEU C 139 35.67 10.82 28.87
N PRO C 140 35.89 9.92 27.95
CA PRO C 140 36.51 10.14 26.64
C PRO C 140 35.49 10.70 25.61
N LEU C 141 36.02 10.99 24.42
CA LEU C 141 35.34 11.63 23.33
C LEU C 141 35.53 10.86 22.02
N ILE C 142 34.55 10.96 21.12
CA ILE C 142 34.68 10.51 19.73
C ILE C 142 34.86 11.72 18.83
N VAL C 143 35.82 11.63 17.96
CA VAL C 143 36.08 12.65 16.99
C VAL C 143 35.89 12.01 15.60
N LYS C 144 35.06 12.65 14.78
CA LYS C 144 34.75 12.18 13.43
C LYS C 144 34.48 13.27 12.44
N PRO C 145 34.79 12.99 11.18
CA PRO C 145 34.36 13.87 10.08
C PRO C 145 32.83 13.98 10.07
N SER C 146 32.31 15.14 9.72
CA SER C 146 30.88 15.29 9.52
C SER C 146 30.28 14.43 8.39
N HIS C 147 31.04 14.10 7.37
CA HIS C 147 30.50 13.33 6.25
C HIS C 147 31.02 11.93 6.31
N GLU C 148 30.05 11.06 6.15
CA GLU C 148 30.21 9.71 5.74
C GLU C 148 31.35 9.57 4.73
N GLY C 149 32.25 8.64 5.02
CA GLY C 149 33.29 8.24 4.06
C GLY C 149 33.82 6.86 4.43
N SER C 150 32.90 5.89 4.54
CA SER C 150 33.26 4.48 4.82
C SER C 150 34.05 4.34 6.16
N SER C 151 33.54 5.04 7.18
CA SER C 151 34.06 5.06 8.55
C SER C 151 35.52 5.47 8.79
N VAL C 152 36.14 6.19 7.83
CA VAL C 152 37.54 6.63 7.95
C VAL C 152 37.65 7.96 8.76
N GLY C 153 38.81 8.18 9.36
CA GLY C 153 39.14 9.44 10.12
C GLY C 153 38.59 9.64 11.53
N MET C 154 38.02 8.59 12.11
CA MET C 154 37.48 8.62 13.44
C MET C 154 38.53 8.25 14.49
N SER C 155 38.51 8.91 15.63
CA SER C 155 39.32 8.51 16.78
C SER C 155 38.52 8.55 18.07
N LYS C 156 38.95 7.72 19.00
CA LYS C 156 38.55 7.81 20.39
C LYS C 156 39.65 8.57 21.09
N VAL C 157 39.28 9.63 21.76
CA VAL C 157 40.22 10.45 22.52
C VAL C 157 40.02 10.20 24.04
N ASP C 158 41.06 9.75 24.71
CA ASP C 158 41.01 9.38 26.14
C ASP C 158 41.55 10.48 27.05
N HIS C 159 42.47 11.29 26.54
CA HIS C 159 43.04 12.38 27.30
C HIS C 159 43.06 13.63 26.44
N ALA C 160 42.85 14.77 27.10
CA ALA C 160 42.82 16.08 26.44
C ALA C 160 44.01 16.32 25.51
N SER C 161 45.18 15.82 25.89
CA SER C 161 46.37 15.98 25.11
C SER C 161 46.27 15.25 23.75
N GLU C 162 45.43 14.22 23.66
CA GLU C 162 45.26 13.47 22.42
C GLU C 162 44.31 14.15 21.42
N LEU C 163 43.62 15.20 21.85
CA LEU C 163 42.59 15.85 21.03
C LEU C 163 43.12 16.41 19.72
N GLN C 164 44.29 17.07 19.80
CA GLN C 164 44.90 17.71 18.61
C GLN C 164 45.11 16.75 17.45
N LYS C 165 45.81 15.65 17.73
CA LYS C 165 46.08 14.64 16.72
C LYS C 165 44.78 14.10 16.10
N ALA C 166 43.75 13.94 16.92
CA ALA C 166 42.49 13.42 16.39
C ALA C 166 41.81 14.46 15.46
N LEU C 167 41.87 15.74 15.84
CA LEU C 167 41.34 16.76 14.98
C LEU C 167 42.08 16.80 13.63
N VAL C 168 43.40 16.77 13.68
CA VAL C 168 44.22 16.84 12.48
C VAL C 168 43.86 15.70 11.55
N GLU C 169 43.75 14.50 12.07
CA GLU C 169 43.36 13.36 11.28
C GLU C 169 41.99 13.53 10.66
N ALA C 170 41.05 14.07 11.44
CA ALA C 170 39.68 14.19 10.96
C ALA C 170 39.58 15.24 9.86
N PHE C 171 40.28 16.36 10.05
CA PHE C 171 40.33 17.40 9.02
C PHE C 171 41.07 17.00 7.71
N GLN C 172 41.73 15.84 7.66
CA GLN C 172 42.22 15.32 6.40
C GLN C 172 41.09 15.05 5.43
N HIS C 173 39.92 14.68 5.97
CA HIS C 173 38.84 14.06 5.21
C HIS C 173 37.63 14.93 5.06
N ASP C 174 37.60 16.07 5.74
CA ASP C 174 36.39 16.87 5.79
C ASP C 174 36.72 18.23 6.36
N SER C 175 35.91 19.21 6.02
CA SER C 175 36.12 20.55 6.52
C SER C 175 35.21 20.81 7.72
N ASP C 176 34.32 19.88 8.02
CA ASP C 176 33.51 19.91 9.21
C ASP C 176 33.81 18.66 10.04
N VAL C 177 33.94 18.85 11.34
CA VAL C 177 34.25 17.77 12.22
C VAL C 177 33.33 17.79 13.42
N LEU C 178 33.00 16.61 13.92
CA LEU C 178 32.18 16.49 15.11
C LEU C 178 33.00 15.87 16.30
N ILE C 179 32.83 16.47 17.47
CA ILE C 179 33.37 15.93 18.69
C ILE C 179 32.21 15.55 19.58
N GLU C 180 32.05 14.26 19.85
CA GLU C 180 30.92 13.76 20.59
C GLU C 180 31.33 13.14 21.91
N LYS C 181 30.48 13.28 22.90
CA LYS C 181 30.63 12.57 24.16
C LYS C 181 30.53 11.06 23.91
N TRP C 182 31.46 10.31 24.48
CA TRP C 182 31.46 8.85 24.28
C TRP C 182 30.20 8.26 24.89
N LEU C 183 29.55 7.34 24.19
CA LEU C 183 28.39 6.58 24.69
C LEU C 183 28.80 5.12 24.94
N SER C 184 28.37 4.60 26.08
CA SER C 184 28.83 3.26 26.53
C SER C 184 28.34 2.13 25.64
N GLY C 185 27.18 2.31 25.07
CA GLY C 185 26.58 1.24 24.32
C GLY C 185 25.59 0.54 25.21
N PRO C 186 25.00 -0.54 24.74
CA PRO C 186 25.23 -1.18 23.42
C PRO C 186 24.55 -0.47 22.25
N GLU C 187 24.91 -0.93 21.07
CA GLU C 187 24.46 -0.36 19.82
C GLU C 187 23.34 -1.19 19.24
N PHE C 188 22.34 -0.55 18.66
CA PHE C 188 21.25 -1.22 17.99
C PHE C 188 21.03 -0.70 16.59
N THR C 189 20.27 -1.45 15.82
CA THR C 189 19.81 -0.96 14.54
C THR C 189 18.43 -1.42 14.29
N VAL C 190 17.67 -0.54 13.65
CA VAL C 190 16.26 -0.75 13.47
C VAL C 190 15.92 -0.55 12.00
N ALA C 191 15.49 -1.61 11.37
CA ALA C 191 15.12 -1.56 9.96
C ALA C 191 13.69 -1.10 9.81
N ILE C 192 13.47 -0.34 8.76
CA ILE C 192 12.16 0.15 8.43
C ILE C 192 11.80 -0.19 6.99
N LEU C 193 10.61 -0.72 6.81
CA LEU C 193 10.14 -1.15 5.54
C LEU C 193 8.79 -0.54 5.31
N GLY C 194 8.74 0.41 4.39
CA GLY C 194 7.53 1.18 4.18
C GLY C 194 7.21 1.93 5.50
N ASP C 195 6.11 1.60 6.11
CA ASP C 195 5.76 2.21 7.39
C ASP C 195 5.98 1.24 8.56
N GLU C 196 6.39 0.02 8.26
CA GLU C 196 6.52 -0.99 9.28
C GLU C 196 7.94 -0.94 9.87
N VAL C 197 8.03 -0.97 11.20
CA VAL C 197 9.28 -1.08 11.91
C VAL C 197 9.56 -2.56 12.14
N LEU C 198 10.72 -3.05 11.73
CA LEU C 198 11.05 -4.45 11.94
C LEU C 198 11.77 -4.62 13.28
N PRO C 199 11.95 -5.89 13.71
CA PRO C 199 12.62 -6.15 15.02
C PRO C 199 14.04 -5.64 15.04
N SER C 200 14.40 -5.00 16.14
CA SER C 200 15.71 -4.43 16.31
C SER C 200 16.76 -5.49 16.49
N ILE C 201 17.99 -5.09 16.22
CA ILE C 201 19.11 -5.98 16.32
C ILE C 201 20.13 -5.28 17.19
N ARG C 202 20.70 -6.01 18.14
CA ARG C 202 21.79 -5.53 18.92
C ARG C 202 23.08 -5.91 18.24
N ILE C 203 24.03 -4.97 18.23
CA ILE C 203 25.28 -5.10 17.50
C ILE C 203 26.43 -4.94 18.44
N GLN C 204 27.35 -5.93 18.46
CA GLN C 204 28.52 -5.89 19.30
C GLN C 204 29.73 -5.91 18.40
N PRO C 205 30.32 -4.77 18.12
CA PRO C 205 31.52 -4.81 17.31
C PRO C 205 32.73 -5.38 18.06
N PRO C 206 33.71 -5.89 17.30
CA PRO C 206 34.90 -6.49 17.91
C PRO C 206 35.74 -5.48 18.64
N GLY C 207 35.76 -4.25 18.15
CA GLY C 207 36.57 -3.22 18.76
C GLY C 207 35.71 -2.03 19.15
N VAL C 208 36.31 -0.86 19.09
CA VAL C 208 35.65 0.34 19.61
C VAL C 208 34.55 0.88 18.69
N PHE C 209 34.73 0.82 17.38
CA PHE C 209 33.78 1.34 16.40
C PHE C 209 33.13 0.26 15.53
N TYR C 210 31.82 0.39 15.32
CA TYR C 210 31.18 -0.34 14.25
C TYR C 210 31.58 0.25 12.90
N ASP C 211 32.77 -0.15 12.44
CA ASP C 211 33.38 0.42 11.23
C ASP C 211 33.29 -0.54 9.99
N TYR C 212 33.97 -0.18 8.92
CA TYR C 212 34.01 -0.98 7.68
C TYR C 212 34.39 -2.43 7.99
N ASP C 213 35.52 -2.62 8.69
CA ASP C 213 35.96 -3.97 9.04
C ASP C 213 34.82 -4.69 9.77
N ALA C 214 34.24 -4.05 10.79
CA ALA C 214 33.22 -4.72 11.59
C ALA C 214 31.94 -5.05 10.81
N LYS C 215 31.57 -4.17 9.89
CA LYS C 215 30.36 -4.35 9.10
C LYS C 215 30.46 -5.44 8.06
N TYR C 216 31.59 -5.47 7.34
CA TYR C 216 31.70 -6.24 6.10
C TYR C 216 32.76 -7.33 6.07
N LEU C 217 33.77 -7.22 6.92
CA LEU C 217 34.95 -8.08 6.82
C LEU C 217 35.10 -9.11 7.92
N SER C 218 34.80 -8.76 9.17
CA SER C 218 35.12 -9.62 10.30
C SER C 218 33.95 -10.50 10.66
N ASP C 219 34.27 -11.76 10.97
CA ASP C 219 33.32 -12.70 11.55
C ASP C 219 33.26 -12.47 13.07
N LYS C 220 34.11 -11.62 13.64
CA LYS C 220 34.06 -11.47 15.08
C LYS C 220 32.91 -10.58 15.57
N THR C 221 32.37 -9.75 14.69
CA THR C 221 31.24 -8.97 15.03
C THR C 221 30.05 -9.86 15.42
N GLN C 222 29.30 -9.47 16.47
CA GLN C 222 28.15 -10.24 16.89
C GLN C 222 26.82 -9.48 16.75
N TYR C 223 25.77 -10.20 16.36
CA TYR C 223 24.46 -9.64 16.14
C TYR C 223 23.45 -10.43 16.90
N PHE C 224 22.53 -9.76 17.61
CA PHE C 224 21.49 -10.48 18.32
C PHE C 224 20.12 -9.98 17.94
N CYS C 225 19.28 -10.89 17.48
CA CYS C 225 17.93 -10.59 17.09
C CYS C 225 17.08 -11.78 17.48
N PRO C 226 16.19 -11.62 18.45
CA PRO C 226 15.83 -10.39 19.17
C PRO C 226 17.00 -9.76 19.91
N SER C 227 16.87 -8.47 20.17
CA SER C 227 17.95 -7.66 20.69
C SER C 227 18.24 -7.91 22.18
N GLY C 228 17.28 -8.48 22.88
CA GLY C 228 17.42 -8.65 24.33
C GLY C 228 16.73 -7.55 25.15
N LEU C 229 16.25 -6.52 24.48
CA LEU C 229 15.51 -5.47 25.14
C LEU C 229 14.18 -5.99 25.63
N SER C 230 13.67 -5.41 26.71
CA SER C 230 12.30 -5.68 27.15
C SER C 230 11.29 -5.20 26.13
N ASP C 231 10.09 -5.74 26.19
CA ASP C 231 9.05 -5.34 25.26
C ASP C 231 8.79 -3.84 25.30
N GLU C 232 8.81 -3.26 26.48
CA GLU C 232 8.52 -1.84 26.64
C GLU C 232 9.62 -0.97 26.01
N SER C 233 10.87 -1.37 26.21
CA SER C 233 12.01 -0.73 25.57
C SER C 233 12.02 -0.88 24.03
N GLU C 234 11.60 -2.03 23.51
CA GLU C 234 11.49 -2.22 22.07
C GLU C 234 10.46 -1.26 21.49
N GLN C 235 9.33 -1.10 22.17
CA GLN C 235 8.29 -0.22 21.69
C GLN C 235 8.76 1.21 21.66
N GLN C 236 9.49 1.61 22.68
CA GLN C 236 10.06 2.93 22.69
C GLN C 236 11.02 3.13 21.50
N LEU C 237 11.84 2.11 21.26
CA LEU C 237 12.91 2.18 20.28
C LEU C 237 12.28 2.26 18.90
N ALA C 238 11.24 1.48 18.70
CA ALA C 238 10.55 1.45 17.45
C ALA C 238 9.98 2.83 17.12
N ALA C 239 9.32 3.43 18.11
CA ALA C 239 8.65 4.70 17.88
C ALA C 239 9.68 5.77 17.64
N LEU C 240 10.77 5.72 18.41
CA LEU C 240 11.87 6.67 18.20
C LEU C 240 12.51 6.57 16.81
N ALA C 241 12.76 5.33 16.37
CA ALA C 241 13.38 5.08 15.07
C ALA C 241 12.52 5.61 13.94
N LEU C 242 11.24 5.31 14.03
CA LEU C 242 10.28 5.81 13.03
C LEU C 242 10.26 7.33 12.94
N GLN C 243 10.27 8.00 14.10
CA GLN C 243 10.36 9.46 14.11
C GLN C 243 11.67 9.94 13.54
N ALA C 244 12.77 9.25 13.83
CA ALA C 244 14.07 9.68 13.33
C ALA C 244 14.14 9.58 11.82
N TYR C 245 13.48 8.57 11.29
CA TYR C 245 13.45 8.30 9.90
C TYR C 245 12.57 9.32 9.19
N HIS C 246 11.36 9.50 9.70
CA HIS C 246 10.47 10.52 9.11
C HIS C 246 11.07 11.90 9.22
N ALA C 247 11.82 12.18 10.28
CA ALA C 247 12.40 13.51 10.44
C ALA C 247 13.30 13.92 9.32
N LEU C 248 14.01 12.94 8.75
CA LEU C 248 14.93 13.22 7.64
C LEU C 248 14.26 13.00 6.29
N ASP C 249 12.95 12.73 6.29
CA ASP C 249 12.17 12.55 5.04
C ASP C 249 12.50 11.27 4.27
N CYS C 250 12.93 10.23 4.96
CA CYS C 250 13.22 8.94 4.30
C CYS C 250 11.94 8.23 3.86
N SER C 251 12.08 7.32 2.93
CA SER C 251 10.93 6.52 2.47
C SER C 251 11.46 5.28 1.76
N GLY C 252 10.54 4.36 1.51
CA GLY C 252 10.83 3.10 0.92
C GLY C 252 11.31 2.15 1.99
N TRP C 253 12.56 2.30 2.38
CA TRP C 253 13.13 1.46 3.43
C TRP C 253 14.40 2.07 3.88
N GLY C 254 14.93 1.55 4.98
CA GLY C 254 16.22 2.05 5.50
C GLY C 254 16.50 1.42 6.85
N ARG C 255 17.53 1.87 7.49
CA ARG C 255 17.97 1.33 8.77
C ARG C 255 18.35 2.51 9.68
N VAL C 256 17.87 2.51 10.91
CA VAL C 256 18.20 3.57 11.84
C VAL C 256 19.11 3.05 12.90
N ASP C 257 20.23 3.72 13.12
CA ASP C 257 21.19 3.24 14.12
C ASP C 257 21.11 4.06 15.40
N VAL C 258 21.23 3.37 16.51
CA VAL C 258 20.92 3.91 17.80
C VAL C 258 21.86 3.34 18.82
N MET C 259 22.18 4.13 19.84
CA MET C 259 23.01 3.66 20.92
C MET C 259 22.44 4.03 22.29
N GLN C 260 22.68 3.17 23.26
CA GLN C 260 22.39 3.46 24.64
C GLN C 260 23.55 4.08 25.37
N ASP C 261 23.23 4.91 26.37
CA ASP C 261 24.20 5.38 27.34
C ASP C 261 24.12 4.47 28.59
N ARG C 262 25.02 4.75 29.54
CA ARG C 262 25.15 4.07 30.84
C ARG C 262 23.80 3.91 31.54
N ASP C 263 22.95 4.93 31.46
CA ASP C 263 21.61 4.88 32.09
C ASP C 263 20.50 4.20 31.28
N GLY C 264 20.79 3.68 30.09
CA GLY C 264 19.76 3.00 29.28
C GLY C 264 18.90 3.89 28.40
N HIS C 265 19.17 5.19 28.35
CA HIS C 265 18.53 6.04 27.35
C HIS C 265 19.10 5.81 25.94
N PHE C 266 18.21 5.90 24.94
CA PHE C 266 18.59 5.78 23.53
C PHE C 266 19.03 7.09 22.93
N TYR C 267 20.01 7.02 22.01
CA TYR C 267 20.50 8.16 21.23
C TYR C 267 20.64 7.80 19.79
N LEU C 268 20.19 8.71 18.94
CA LEU C 268 20.20 8.47 17.50
C LEU C 268 21.58 8.72 16.95
N LEU C 269 22.09 7.80 16.12
CA LEU C 269 23.39 7.99 15.46
C LEU C 269 23.22 8.43 14.04
N GLU C 270 22.46 7.68 13.26
CA GLU C 270 22.38 7.93 11.80
C GLU C 270 21.33 7.10 11.15
N VAL C 271 21.01 7.46 9.93
CA VAL C 271 20.08 6.66 9.15
C VAL C 271 20.83 6.27 7.88
N ASN C 272 20.69 5.00 7.48
CA ASN C 272 21.32 4.49 6.27
C ASN C 272 20.24 4.28 5.21
N THR C 273 20.35 4.98 4.10
CA THR C 273 19.33 4.94 3.06
C THR C 273 19.57 3.94 1.90
N SER C 274 20.70 3.22 1.85
CA SER C 274 20.78 1.93 1.04
C SER C 274 21.46 0.72 1.71
N PRO C 275 20.73 0.06 2.58
CA PRO C 275 21.42 -0.91 3.42
C PRO C 275 21.92 -2.14 2.66
N GLY C 276 22.86 -2.83 3.29
CA GLY C 276 23.36 -4.10 2.81
C GLY C 276 22.26 -5.09 2.67
N MET C 277 22.28 -5.81 1.56
CA MET C 277 21.32 -6.85 1.29
C MET C 277 21.97 -8.19 0.91
N THR C 278 23.11 -8.51 1.51
CA THR C 278 23.61 -9.85 1.37
C THR C 278 22.65 -10.69 2.18
N SER C 279 22.74 -12.00 2.04
CA SER C 279 21.75 -12.88 2.66
C SER C 279 21.78 -12.78 4.15
N HIS C 280 22.93 -12.46 4.75
CA HIS C 280 23.01 -12.28 6.21
C HIS C 280 23.32 -10.86 6.65
N SER C 281 23.00 -9.90 5.80
CA SER C 281 23.08 -8.49 6.22
C SER C 281 21.99 -8.15 7.26
N LEU C 282 22.08 -6.99 7.89
CA LEU C 282 21.14 -6.57 8.99
C LEU C 282 19.67 -6.51 8.60
N VAL C 283 19.36 -5.91 7.46
CA VAL C 283 17.95 -5.83 7.09
C VAL C 283 17.32 -7.20 6.81
N PRO C 284 17.98 -8.03 5.99
CA PRO C 284 17.48 -9.41 5.86
C PRO C 284 17.31 -10.12 7.18
N MET C 285 18.24 -9.94 8.09
CA MET C 285 18.13 -10.64 9.36
C MET C 285 16.87 -10.16 10.09
N ALA C 286 16.64 -8.87 10.08
CA ALA C 286 15.46 -8.34 10.77
C ALA C 286 14.16 -8.74 10.08
N ALA C 287 14.18 -8.73 8.75
CA ALA C 287 12.99 -9.14 7.98
C ALA C 287 12.65 -10.59 8.29
N ARG C 288 13.68 -11.42 8.39
CA ARG C 288 13.46 -12.86 8.68
C ARG C 288 12.77 -12.99 10.04
N GLN C 289 13.36 -12.40 11.07
CA GLN C 289 12.72 -12.36 12.40
C GLN C 289 11.29 -11.82 12.40
N TYR C 290 11.01 -10.86 11.52
CA TYR C 290 9.66 -10.36 11.33
C TYR C 290 8.72 -11.35 10.66
N GLY C 291 9.27 -12.38 10.01
CA GLY C 291 8.42 -13.35 9.32
C GLY C 291 8.37 -13.24 7.81
N LEU C 292 9.22 -12.41 7.21
CA LEU C 292 9.39 -12.39 5.76
C LEU C 292 10.60 -13.18 5.27
N SER C 293 10.43 -13.85 4.12
CA SER C 293 11.59 -14.46 3.44
C SER C 293 12.35 -13.33 2.75
N PHE C 294 13.58 -13.64 2.36
CA PHE C 294 14.41 -12.68 1.65
C PHE C 294 13.66 -12.20 0.34
N SER C 295 13.10 -13.18 -0.37
CA SER C 295 12.43 -12.93 -1.64
C SER C 295 11.22 -12.00 -1.41
N GLN C 296 10.51 -12.18 -0.32
CA GLN C 296 9.38 -11.33 -0.04
C GLN C 296 9.86 -9.93 0.28
N LEU C 297 10.95 -9.84 1.03
CA LEU C 297 11.49 -8.58 1.47
C LEU C 297 11.78 -7.75 0.21
N VAL C 298 12.49 -8.34 -0.75
CA VAL C 298 12.92 -7.55 -1.90
C VAL C 298 11.75 -7.23 -2.77
N ALA C 299 10.78 -8.13 -2.87
CA ALA C 299 9.58 -7.83 -3.61
C ALA C 299 8.80 -6.71 -2.96
N ARG C 300 8.78 -6.69 -1.63
CA ARG C 300 8.12 -5.59 -0.92
C ARG C 300 8.85 -4.23 -1.12
N ILE C 301 10.15 -4.25 -1.05
CA ILE C 301 10.89 -3.02 -1.26
C ILE C 301 10.60 -2.45 -2.67
N LEU C 302 10.58 -3.33 -3.67
CA LEU C 302 10.31 -2.95 -5.03
C LEU C 302 8.88 -2.44 -5.17
N MET C 303 7.94 -3.08 -4.49
CA MET C 303 6.58 -2.65 -4.57
C MET C 303 6.47 -1.20 -4.04
N LEU C 304 7.36 -0.80 -3.12
CA LEU C 304 7.25 0.50 -2.48
C LEU C 304 7.85 1.59 -3.33
N ALA C 305 8.41 1.21 -4.47
CA ALA C 305 8.87 2.15 -5.47
C ALA C 305 7.78 2.38 -6.51
N ASP C 306 7.38 3.62 -6.69
CA ASP C 306 6.29 3.91 -7.63
C ASP C 306 6.44 5.33 -8.21
N ALA D 2 38.86 28.58 -24.37
CA ALA D 2 38.82 27.14 -24.78
C ALA D 2 37.89 26.29 -23.87
N GLU D 3 37.46 26.68 -22.64
CA GLU D 3 36.40 25.89 -21.95
C GLU D 3 35.15 26.15 -22.70
N LYS D 4 34.36 25.10 -22.93
CA LYS D 4 33.04 25.27 -23.52
C LYS D 4 32.02 25.22 -22.40
N VAL D 5 31.22 26.27 -22.30
CA VAL D 5 30.30 26.42 -21.21
C VAL D 5 28.88 26.27 -21.70
N ALA D 6 28.11 25.38 -21.05
CA ALA D 6 26.68 25.30 -21.29
C ALA D 6 25.86 26.13 -20.30
N VAL D 7 25.01 26.99 -20.85
CA VAL D 7 23.98 27.68 -20.08
C VAL D 7 22.65 26.94 -20.23
N LEU D 8 22.24 26.23 -19.17
CA LEU D 8 21.03 25.44 -19.17
C LEU D 8 19.88 26.36 -18.91
N LEU D 9 18.86 26.31 -19.78
CA LEU D 9 17.76 27.27 -19.71
C LEU D 9 16.49 26.67 -20.21
N GLY D 10 15.41 27.33 -19.91
CA GLY D 10 14.09 26.88 -20.32
C GLY D 10 13.56 25.76 -19.50
N GLY D 11 13.83 24.56 -19.94
CA GLY D 11 13.29 23.38 -19.26
C GLY D 11 11.79 23.16 -19.37
N THR D 12 11.26 22.36 -18.47
CA THR D 12 9.87 21.93 -18.48
C THR D 12 9.12 22.28 -17.19
N SER D 13 9.69 23.09 -16.33
CA SER D 13 8.94 23.48 -15.12
C SER D 13 7.97 24.60 -15.44
N ALA D 14 7.07 24.83 -14.50
CA ALA D 14 6.17 25.99 -14.53
C ALA D 14 6.90 27.33 -14.80
N GLU D 15 8.17 27.43 -14.42
CA GLU D 15 8.94 28.68 -14.58
C GLU D 15 9.73 28.76 -15.89
N ARG D 16 9.46 27.86 -16.84
CA ARG D 16 10.13 27.83 -18.15
C ARG D 16 10.31 29.20 -18.82
N GLU D 17 9.27 30.01 -18.85
CA GLU D 17 9.34 31.29 -19.56
C GLU D 17 10.27 32.27 -18.85
N VAL D 18 10.24 32.30 -17.53
CA VAL D 18 11.21 33.12 -16.79
C VAL D 18 12.65 32.61 -16.99
N SER D 19 12.82 31.28 -17.04
CA SER D 19 14.15 30.68 -17.25
C SER D 19 14.73 30.92 -18.62
N LEU D 20 13.87 30.95 -19.65
CA LEU D 20 14.34 31.36 -21.00
C LEU D 20 14.94 32.76 -20.97
N LEU D 21 14.27 33.66 -20.24
CA LEU D 21 14.75 35.02 -20.13
C LEU D 21 16.06 35.10 -19.33
N SER D 22 16.12 34.41 -18.19
CA SER D 22 17.34 34.31 -17.38
C SER D 22 18.49 33.75 -18.18
N GLY D 23 18.26 32.63 -18.84
CA GLY D 23 19.29 32.01 -19.65
C GLY D 23 19.79 32.87 -20.79
N GLN D 24 18.86 33.53 -21.46
CA GLN D 24 19.23 34.43 -22.58
C GLN D 24 20.14 35.56 -22.04
N ALA D 25 19.82 36.11 -20.86
CA ALA D 25 20.61 37.21 -20.33
C ALA D 25 21.98 36.69 -19.91
N VAL D 26 21.99 35.55 -19.22
CA VAL D 26 23.24 34.94 -18.76
C VAL D 26 24.12 34.60 -19.93
N LEU D 27 23.54 34.01 -20.96
CA LEU D 27 24.30 33.73 -22.17
C LEU D 27 25.02 34.97 -22.76
N ALA D 28 24.30 36.08 -22.83
CA ALA D 28 24.87 37.32 -23.40
C ALA D 28 25.93 37.90 -22.47
N GLY D 29 25.69 37.80 -21.16
CA GLY D 29 26.66 38.29 -20.15
C GLY D 29 27.98 37.53 -20.19
N LEU D 30 27.90 36.22 -20.33
CA LEU D 30 29.12 35.40 -20.43
C LEU D 30 29.92 35.62 -21.69
N LYS D 31 29.24 35.71 -22.83
CA LYS D 31 29.94 36.02 -24.10
C LYS D 31 30.63 37.39 -24.05
N GLU D 32 29.94 38.37 -23.46
CA GLU D 32 30.47 39.70 -23.28
C GLU D 32 31.75 39.68 -22.44
N ALA D 33 31.86 38.70 -21.56
CA ALA D 33 33.06 38.61 -20.69
C ALA D 33 34.13 37.77 -21.30
N GLY D 34 33.89 37.22 -22.50
CA GLY D 34 34.91 36.43 -23.19
C GLY D 34 34.86 34.93 -23.01
N ILE D 35 33.74 34.43 -22.51
CA ILE D 35 33.57 33.02 -22.22
C ILE D 35 32.90 32.37 -23.43
N ASP D 36 33.40 31.20 -23.82
CA ASP D 36 32.84 30.44 -24.93
C ASP D 36 31.57 29.68 -24.50
N ALA D 37 30.45 30.39 -24.43
CA ALA D 37 29.19 29.87 -23.86
C ALA D 37 28.14 29.61 -24.92
N TYR D 38 27.30 28.60 -24.68
CA TYR D 38 26.22 28.19 -25.57
C TYR D 38 24.96 28.00 -24.77
N GLY D 39 23.87 28.48 -25.33
CA GLY D 39 22.55 28.26 -24.75
C GLY D 39 22.08 26.85 -25.02
N VAL D 40 21.53 26.19 -23.99
CA VAL D 40 21.03 24.81 -24.12
C VAL D 40 19.68 24.70 -23.47
N ASP D 41 18.65 24.63 -24.32
CA ASP D 41 17.26 24.53 -23.87
C ASP D 41 17.04 23.08 -23.51
N THR D 42 16.90 22.82 -22.21
CA THR D 42 16.89 21.43 -21.71
C THR D 42 15.57 20.75 -22.00
N LYS D 43 14.57 21.51 -22.41
CA LYS D 43 13.40 20.88 -23.02
C LYS D 43 13.77 19.99 -24.24
N ASP D 44 14.71 20.44 -25.07
CA ASP D 44 15.02 19.76 -26.36
C ASP D 44 16.30 18.97 -26.29
N PHE D 45 17.14 19.27 -25.32
CA PHE D 45 18.41 18.60 -25.22
C PHE D 45 18.51 17.91 -23.84
N PRO D 46 18.83 16.61 -23.83
CA PRO D 46 18.93 15.94 -22.53
C PRO D 46 20.22 16.29 -21.80
N VAL D 47 20.09 16.72 -20.54
CA VAL D 47 21.24 17.12 -19.76
C VAL D 47 22.23 15.99 -19.59
N THR D 48 21.78 14.75 -19.69
CA THR D 48 22.67 13.59 -19.59
C THR D 48 23.70 13.50 -20.71
N GLN D 49 23.52 14.29 -21.74
CA GLN D 49 24.45 14.24 -22.87
C GLN D 49 25.43 15.43 -22.91
N LEU D 50 25.44 16.27 -21.89
CA LEU D 50 26.29 17.47 -21.90
C LEU D 50 27.75 17.13 -22.07
N LYS D 51 28.23 16.08 -21.40
CA LYS D 51 29.65 15.73 -21.53
C LYS D 51 29.92 15.20 -22.92
N GLU D 52 29.08 14.30 -23.40
CA GLU D 52 29.26 13.74 -24.74
C GLU D 52 29.33 14.86 -25.78
N GLN D 53 28.57 15.92 -25.57
CA GLN D 53 28.53 17.00 -26.50
C GLN D 53 29.76 17.93 -26.38
N GLY D 54 30.65 17.65 -25.43
CA GLY D 54 31.89 18.42 -25.32
C GLY D 54 31.90 19.58 -24.36
N PHE D 55 30.89 19.72 -23.51
CA PHE D 55 30.93 20.80 -22.54
C PHE D 55 31.87 20.49 -21.36
N ASP D 56 32.51 21.53 -20.86
CA ASP D 56 33.48 21.40 -19.76
C ASP D 56 32.92 21.93 -18.46
N LYS D 57 31.91 22.79 -18.56
CA LYS D 57 31.38 23.54 -17.43
C LYS D 57 29.93 23.96 -17.71
N VAL D 58 29.12 24.03 -16.67
CA VAL D 58 27.72 24.33 -16.80
C VAL D 58 27.30 25.49 -15.91
N PHE D 59 26.59 26.44 -16.53
CA PHE D 59 25.91 27.48 -15.78
C PHE D 59 24.42 27.12 -15.73
N ILE D 60 23.88 27.03 -14.52
CA ILE D 60 22.51 26.63 -14.37
C ILE D 60 21.63 27.87 -14.26
N ALA D 61 20.75 28.05 -15.26
CA ALA D 61 19.78 29.14 -15.25
C ALA D 61 18.36 28.63 -15.34
N LEU D 62 18.16 27.37 -14.99
CA LEU D 62 16.82 26.79 -14.78
C LEU D 62 16.27 27.19 -13.40
N HIS D 63 14.95 27.22 -13.29
CA HIS D 63 14.29 27.50 -12.04
C HIS D 63 13.26 26.43 -11.73
N GLY D 64 12.98 26.21 -10.43
CA GLY D 64 11.93 25.26 -10.05
C GLY D 64 12.34 23.80 -10.22
N ARG D 65 11.32 22.96 -10.30
CA ARG D 65 11.44 21.55 -10.43
C ARG D 65 12.41 21.19 -11.54
N GLY D 66 13.37 20.33 -11.19
CA GLY D 66 14.39 19.89 -12.13
C GLY D 66 15.52 20.90 -12.40
N GLY D 67 15.51 22.02 -11.66
CA GLY D 67 16.56 23.01 -11.82
C GLY D 67 17.30 23.36 -10.55
N GLU D 68 16.56 23.58 -9.47
CA GLU D 68 17.12 24.08 -8.25
C GLU D 68 16.86 23.18 -7.05
N ASP D 69 16.50 21.94 -7.34
CA ASP D 69 16.01 20.99 -6.33
C ASP D 69 16.92 19.76 -6.10
N GLY D 70 18.10 19.71 -6.68
CA GLY D 70 19.00 18.61 -6.42
C GLY D 70 19.12 17.61 -7.57
N THR D 71 18.06 17.47 -8.38
CA THR D 71 18.01 16.41 -9.37
C THR D 71 19.01 16.69 -10.47
N LEU D 72 18.99 17.88 -11.02
CA LEU D 72 19.96 18.28 -12.04
C LEU D 72 21.35 18.22 -11.48
N GLN D 73 21.51 18.68 -10.24
CA GLN D 73 22.82 18.74 -9.64
C GLN D 73 23.35 17.31 -9.55
N GLY D 74 22.47 16.35 -9.30
CA GLY D 74 22.86 14.97 -9.26
C GLY D 74 23.40 14.48 -10.57
N VAL D 75 22.65 14.77 -11.64
CA VAL D 75 23.10 14.38 -12.98
C VAL D 75 24.49 14.93 -13.23
N LEU D 76 24.68 16.20 -12.88
CA LEU D 76 25.99 16.87 -13.15
C LEU D 76 27.11 16.27 -12.32
N GLU D 77 26.80 15.88 -11.07
CA GLU D 77 27.80 15.25 -10.21
C GLU D 77 28.15 13.94 -10.86
N PHE D 78 27.17 13.20 -11.30
CA PHE D 78 27.49 11.94 -11.96
C PHE D 78 28.40 12.09 -13.22
N LEU D 79 28.09 13.06 -14.06
CA LEU D 79 28.95 13.38 -15.23
C LEU D 79 30.27 14.04 -14.83
N GLN D 80 30.37 14.51 -13.59
CA GLN D 80 31.58 15.19 -13.09
C GLN D 80 31.87 16.46 -13.84
N LEU D 81 30.82 17.23 -14.11
CA LEU D 81 30.98 18.55 -14.66
C LEU D 81 30.82 19.56 -13.56
N PRO D 82 31.75 20.49 -13.47
CA PRO D 82 31.57 21.59 -12.55
C PRO D 82 30.35 22.42 -12.96
N TYR D 83 29.65 22.97 -11.97
CA TYR D 83 28.43 23.68 -12.25
C TYR D 83 28.25 24.78 -11.25
N THR D 84 27.45 25.76 -11.61
CA THR D 84 27.21 26.89 -10.74
C THR D 84 26.21 26.57 -9.68
N GLY D 85 26.24 27.37 -8.63
CA GLY D 85 25.26 27.26 -7.55
C GLY D 85 25.56 26.13 -6.61
N SER D 86 24.60 25.85 -5.74
CA SER D 86 24.78 24.89 -4.67
C SER D 86 24.71 23.44 -5.10
N GLY D 87 25.25 22.56 -4.25
CA GLY D 87 25.31 21.14 -4.57
C GLY D 87 24.00 20.43 -4.30
N VAL D 88 24.05 19.11 -4.31
CA VAL D 88 22.82 18.26 -4.28
C VAL D 88 22.02 18.48 -3.01
N MET D 89 22.71 18.38 -1.89
CA MET D 89 22.08 18.39 -0.59
C MET D 89 21.39 19.74 -0.34
N ALA D 90 22.14 20.81 -0.55
CA ALA D 90 21.63 22.14 -0.32
C ALA D 90 20.52 22.53 -1.28
N SER D 91 20.68 22.15 -2.55
CA SER D 91 19.70 22.51 -3.54
C SER D 91 18.35 21.91 -3.14
N ALA D 92 18.40 20.65 -2.67
CA ALA D 92 17.18 19.91 -2.27
C ALA D 92 16.60 20.39 -0.92
N LEU D 93 17.48 20.64 0.02
CA LEU D 93 17.12 20.98 1.39
C LEU D 93 16.39 22.34 1.38
N THR D 94 16.89 23.26 0.57
CA THR D 94 16.20 24.54 0.42
C THR D 94 14.80 24.50 -0.20
N MET D 95 14.38 23.39 -0.78
CA MET D 95 13.01 23.25 -1.22
C MET D 95 12.09 22.86 -0.07
N ASP D 96 12.66 22.43 1.05
CA ASP D 96 11.89 21.88 2.12
C ASP D 96 11.84 22.90 3.26
N LYS D 97 10.71 23.56 3.41
CA LYS D 97 10.64 24.69 4.33
C LYS D 97 10.67 24.22 5.77
N LEU D 98 10.03 23.09 6.04
CA LEU D 98 10.18 22.48 7.34
C LEU D 98 11.64 22.21 7.71
N ARG D 99 12.38 21.54 6.85
CA ARG D 99 13.70 21.09 7.30
C ARG D 99 14.71 22.20 7.33
N THR D 100 14.52 23.12 6.40
CA THR D 100 15.22 24.39 6.43
C THR D 100 15.04 25.04 7.81
N LYS D 101 13.81 25.13 8.27
CA LYS D 101 13.57 25.78 9.54
C LYS D 101 14.23 25.06 10.70
N LEU D 102 14.14 23.74 10.69
CA LEU D 102 14.65 22.92 11.78
C LEU D 102 16.11 23.12 11.90
N VAL D 103 16.80 23.16 10.76
CA VAL D 103 18.23 23.33 10.81
C VAL D 103 18.53 24.70 11.40
N TRP D 104 17.84 25.72 10.90
CA TRP D 104 18.11 27.10 11.37
C TRP D 104 17.82 27.25 12.89
N GLN D 105 16.75 26.61 13.33
CA GLN D 105 16.33 26.63 14.72
C GLN D 105 17.36 25.96 15.62
N ALA D 106 17.88 24.80 15.21
CA ALA D 106 18.90 24.11 16.05
C ALA D 106 20.16 24.93 16.18
N LEU D 107 20.47 25.75 15.20
CA LEU D 107 21.63 26.60 15.28
C LEU D 107 21.29 27.92 16.01
N GLY D 108 20.07 28.11 16.52
CA GLY D 108 19.74 29.36 17.23
C GLY D 108 19.51 30.57 16.30
N LEU D 109 19.22 30.34 15.03
CA LEU D 109 18.99 31.40 14.08
C LEU D 109 17.50 31.75 14.11
N PRO D 110 17.16 33.02 13.86
CA PRO D 110 15.79 33.45 14.13
C PRO D 110 14.82 33.09 13.05
N ILE D 111 13.75 32.41 13.44
CA ILE D 111 12.67 32.11 12.56
C ILE D 111 11.37 32.41 13.27
N SER D 112 10.31 32.57 12.50
CA SER D 112 9.04 32.88 13.08
C SER D 112 8.53 31.69 13.87
N PRO D 113 7.95 31.91 15.06
CA PRO D 113 7.32 30.78 15.77
C PRO D 113 6.33 30.05 14.83
N TYR D 114 6.24 28.73 14.94
CA TYR D 114 5.38 27.99 14.02
C TYR D 114 5.03 26.68 14.63
N VAL D 115 4.09 26.00 13.99
CA VAL D 115 3.74 24.63 14.26
C VAL D 115 3.71 23.90 12.93
N ALA D 116 4.25 22.67 12.96
CA ALA D 116 4.25 21.77 11.80
C ALA D 116 3.18 20.72 11.98
N LEU D 117 2.52 20.34 10.90
CA LEU D 117 1.46 19.34 10.92
C LEU D 117 1.57 18.43 9.71
N ASN D 118 1.56 17.12 9.95
CA ASN D 118 1.40 16.16 8.84
C ASN D 118 -0.05 15.75 8.57
N ARG D 119 -0.25 14.96 7.50
CA ARG D 119 -1.58 14.47 7.07
C ARG D 119 -2.23 13.62 8.16
N GLN D 120 -1.44 12.82 8.84
CA GLN D 120 -1.93 11.92 9.89
C GLN D 120 -2.57 12.70 11.04
N GLN D 121 -1.90 13.73 11.52
CA GLN D 121 -2.44 14.55 12.60
C GLN D 121 -3.69 15.29 12.14
N PHE D 122 -3.67 15.75 10.88
CA PHE D 122 -4.81 16.45 10.32
C PHE D 122 -6.06 15.57 10.25
N GLU D 123 -5.86 14.29 9.96
CA GLU D 123 -6.98 13.33 9.80
C GLU D 123 -7.50 12.86 11.18
N THR D 124 -6.61 12.80 12.19
CA THR D 124 -6.93 12.41 13.57
C THR D 124 -7.43 13.54 14.48
N LEU D 125 -7.48 14.77 13.99
CA LEU D 125 -7.78 15.88 14.89
C LEU D 125 -8.97 16.70 14.40
N SER D 126 -9.77 17.13 15.36
CA SER D 126 -10.96 17.95 15.11
C SER D 126 -10.53 19.41 14.93
N PRO D 127 -11.33 20.17 14.17
CA PRO D 127 -11.08 21.61 13.96
C PRO D 127 -10.74 22.34 15.26
N GLU D 128 -11.43 21.99 16.33
CA GLU D 128 -11.28 22.62 17.65
C GLU D 128 -9.92 22.28 18.30
N GLU D 129 -9.44 21.07 18.13
CA GLU D 129 -8.08 20.75 18.64
C GLU D 129 -6.99 21.37 17.76
N LEU D 130 -7.24 21.45 16.46
CA LEU D 130 -6.33 22.14 15.56
C LEU D 130 -6.13 23.59 16.01
N VAL D 131 -7.24 24.30 16.20
CA VAL D 131 -7.21 25.66 16.78
C VAL D 131 -6.38 25.70 18.06
N ALA D 132 -6.59 24.74 18.97
CA ALA D 132 -5.82 24.70 20.22
C ALA D 132 -4.33 24.43 19.98
N CYS D 133 -4.02 23.56 18.99
CA CYS D 133 -2.61 23.32 18.58
C CYS D 133 -1.85 24.62 18.25
N VAL D 134 -2.53 25.57 17.62
CA VAL D 134 -1.86 26.78 17.18
C VAL D 134 -2.20 28.01 18.02
N ALA D 135 -2.93 27.82 19.10
CA ALA D 135 -3.41 28.96 19.88
C ALA D 135 -2.23 29.81 20.33
N LYS D 136 -1.12 29.16 20.68
CA LYS D 136 0.04 29.88 21.23
C LYS D 136 0.75 30.79 20.23
N LEU D 137 0.42 30.67 18.94
CA LEU D 137 0.96 31.52 17.90
C LEU D 137 0.25 32.90 17.81
N GLY D 138 -0.95 33.01 18.41
CA GLY D 138 -1.77 34.19 18.31
C GLY D 138 -2.40 34.29 16.94
N LEU D 139 -2.76 35.51 16.56
CA LEU D 139 -3.35 35.78 15.22
C LEU D 139 -2.83 37.12 14.70
N PRO D 140 -2.84 37.31 13.38
CA PRO D 140 -3.13 36.32 12.37
C PRO D 140 -1.96 35.33 12.12
N LEU D 141 -2.20 34.38 11.21
CA LEU D 141 -1.30 33.26 10.88
C LEU D 141 -1.15 33.12 9.40
N ILE D 142 0.00 32.56 8.99
CA ILE D 142 0.23 32.08 7.63
C ILE D 142 0.19 30.57 7.66
N VAL D 143 -0.54 30.02 6.71
CA VAL D 143 -0.64 28.58 6.53
C VAL D 143 -0.09 28.25 5.15
N LYS D 144 0.89 27.34 5.10
CA LYS D 144 1.54 26.96 3.83
C LYS D 144 1.98 25.49 3.78
N PRO D 145 1.94 24.93 2.58
CA PRO D 145 2.63 23.68 2.35
C PRO D 145 4.12 23.75 2.72
N SER D 146 4.67 22.66 3.26
CA SER D 146 6.12 22.55 3.48
C SER D 146 7.05 22.61 2.23
N HIS D 147 6.57 22.21 1.06
CA HIS D 147 7.37 22.30 -0.20
C HIS D 147 6.82 23.31 -1.22
N GLU D 148 7.65 23.91 -2.08
CA GLU D 148 7.16 24.52 -3.37
C GLU D 148 7.51 26.01 -3.48
N VAL D 152 1.15 29.35 -4.04
CA VAL D 152 0.26 28.18 -4.16
C VAL D 152 -0.08 27.41 -2.86
N GLY D 153 -1.37 27.41 -2.52
CA GLY D 153 -1.88 26.74 -1.32
C GLY D 153 -1.65 27.49 -0.01
N MET D 154 -1.15 28.71 -0.09
CA MET D 154 -0.91 29.54 1.09
C MET D 154 -2.15 30.38 1.44
N SER D 155 -2.42 30.53 2.72
CA SER D 155 -3.46 31.46 3.16
C SER D 155 -3.00 32.29 4.34
N LYS D 156 -3.56 33.49 4.44
CA LYS D 156 -3.52 34.28 5.68
C LYS D 156 -4.80 34.01 6.45
N VAL D 157 -4.66 33.57 7.68
CA VAL D 157 -5.78 33.28 8.53
C VAL D 157 -5.89 34.39 9.59
N ASP D 158 -7.06 35.04 9.64
CA ASP D 158 -7.31 36.20 10.51
C ASP D 158 -8.12 35.85 11.74
N HIS D 159 -8.95 34.82 11.64
CA HIS D 159 -9.76 34.31 12.77
C HIS D 159 -9.65 32.79 12.85
N ALA D 160 -9.69 32.27 14.07
CA ALA D 160 -9.59 30.83 14.33
C ALA D 160 -10.53 29.98 13.46
N SER D 161 -11.72 30.53 13.21
CA SER D 161 -12.73 29.83 12.44
C SER D 161 -12.29 29.64 10.97
N GLU D 162 -11.38 30.47 10.47
CA GLU D 162 -10.86 30.34 9.10
C GLU D 162 -9.75 29.25 8.94
N LEU D 163 -9.26 28.73 10.06
CA LEU D 163 -8.10 27.83 10.06
C LEU D 163 -8.33 26.56 9.24
N GLN D 164 -9.51 25.99 9.43
CA GLN D 164 -9.82 24.72 8.79
C GLN D 164 -9.70 24.80 7.28
N LYS D 165 -10.37 25.76 6.68
CA LYS D 165 -10.37 25.91 5.24
C LYS D 165 -8.94 26.06 4.73
N ALA D 166 -8.11 26.77 5.48
CA ALA D 166 -6.73 26.98 5.07
C ALA D 166 -5.94 25.66 5.13
N LEU D 167 -6.17 24.86 6.16
CA LEU D 167 -5.48 23.58 6.25
C LEU D 167 -5.88 22.64 5.12
N VAL D 168 -7.17 22.58 4.85
CA VAL D 168 -7.69 21.77 3.76
C VAL D 168 -7.05 22.15 2.43
N GLU D 169 -6.99 23.44 2.12
CA GLU D 169 -6.34 23.87 0.88
C GLU D 169 -4.86 23.53 0.86
N ALA D 170 -4.17 23.65 2.00
CA ALA D 170 -2.72 23.37 2.06
C ALA D 170 -2.38 21.89 1.91
N PHE D 171 -3.14 21.04 2.58
CA PHE D 171 -3.05 19.61 2.36
C PHE D 171 -3.79 19.54 0.99
N GLN D 172 -3.43 18.71 0.03
CA GLN D 172 -3.95 18.95 -1.37
C GLN D 172 -2.80 19.38 -2.25
N HIS D 173 -1.78 19.99 -1.63
CA HIS D 173 -0.48 20.17 -2.27
C HIS D 173 0.67 19.49 -1.55
N ASP D 174 0.46 18.98 -0.34
CA ASP D 174 1.57 18.49 0.44
C ASP D 174 1.06 17.72 1.62
N SER D 175 1.89 16.83 2.16
CA SER D 175 1.51 16.03 3.32
C SER D 175 2.11 16.63 4.58
N ASP D 176 2.94 17.66 4.42
CA ASP D 176 3.44 18.43 5.53
C ASP D 176 3.03 19.90 5.36
N VAL D 177 2.56 20.51 6.45
CA VAL D 177 2.03 21.87 6.39
C VAL D 177 2.59 22.66 7.54
N LEU D 178 2.86 23.93 7.27
CA LEU D 178 3.36 24.81 8.30
C LEU D 178 2.35 25.90 8.65
N ILE D 179 2.22 26.13 9.94
CA ILE D 179 1.42 27.24 10.42
C ILE D 179 2.38 28.19 11.13
N GLU D 180 2.53 29.40 10.59
CA GLU D 180 3.46 30.35 11.15
C GLU D 180 2.76 31.62 11.69
N LYS D 181 3.33 32.19 12.74
CA LYS D 181 2.91 33.47 13.23
C LYS D 181 3.15 34.51 12.15
N TRP D 182 2.16 35.33 11.87
CA TRP D 182 2.29 36.39 10.89
C TRP D 182 3.34 37.39 11.33
N LEU D 183 4.14 37.84 10.39
CA LEU D 183 5.15 38.88 10.64
C LEU D 183 4.75 40.16 9.90
N SER D 184 4.88 41.28 10.58
CA SER D 184 4.39 42.57 10.07
C SER D 184 5.15 43.05 8.85
N GLY D 185 6.43 42.72 8.76
CA GLY D 185 7.22 43.13 7.61
C GLY D 185 8.01 44.33 8.03
N PRO D 186 8.68 44.98 7.08
CA PRO D 186 8.81 44.66 5.67
C PRO D 186 9.75 43.49 5.31
N GLU D 187 9.71 43.14 4.04
CA GLU D 187 10.40 41.97 3.52
C GLU D 187 11.66 42.41 2.83
N PHE D 188 12.75 41.66 3.04
CA PHE D 188 14.03 41.91 2.36
C PHE D 188 14.57 40.66 1.67
N THR D 189 15.47 40.89 0.73
CA THR D 189 16.19 39.83 0.15
C THR D 189 17.65 40.21 0.03
N VAL D 190 18.49 39.20 0.25
CA VAL D 190 19.91 39.40 0.30
C VAL D 190 20.57 38.41 -0.63
N ALA D 191 21.19 38.95 -1.65
CA ALA D 191 21.91 38.14 -2.62
C ALA D 191 23.34 37.84 -2.12
N ILE D 192 23.79 36.62 -2.38
CA ILE D 192 25.12 36.18 -1.97
C ILE D 192 25.87 35.66 -3.15
N LEU D 193 27.08 36.14 -3.32
CA LEU D 193 27.93 35.79 -4.41
C LEU D 193 29.28 35.30 -3.84
N GLY D 194 29.50 33.99 -3.87
CA GLY D 194 30.67 33.36 -3.20
C GLY D 194 30.62 33.61 -1.69
N ASP D 195 31.53 34.44 -1.20
CA ASP D 195 31.48 34.85 0.19
C ASP D 195 31.01 36.28 0.36
N GLU D 196 30.79 37.01 -0.75
CA GLU D 196 30.39 38.40 -0.68
C GLU D 196 28.85 38.49 -0.55
N VAL D 197 28.38 39.26 0.42
CA VAL D 197 26.99 39.61 0.56
C VAL D 197 26.73 40.90 -0.21
N LEU D 198 25.75 40.91 -1.11
CA LEU D 198 25.43 42.13 -1.88
C LEU D 198 24.42 42.97 -1.12
N PRO D 199 24.22 44.24 -1.56
CA PRO D 199 23.24 45.11 -0.93
C PRO D 199 21.82 44.55 -0.94
N SER D 200 21.19 44.62 0.20
CA SER D 200 19.89 44.11 0.36
C SER D 200 18.87 44.97 -0.38
N ILE D 201 17.74 44.34 -0.64
CA ILE D 201 16.67 44.97 -1.35
C ILE D 201 15.42 44.82 -0.50
N ARG D 202 14.70 45.92 -0.31
CA ARG D 202 13.41 45.87 0.33
C ARG D 202 12.34 45.65 -0.74
N ILE D 203 11.40 44.80 -0.42
CA ILE D 203 10.40 44.36 -1.36
C ILE D 203 9.05 44.73 -0.82
N GLN D 204 8.23 45.40 -1.64
CA GLN D 204 6.83 45.72 -1.30
C GLN D 204 5.92 45.08 -2.30
N PRO D 205 5.28 43.98 -1.91
CA PRO D 205 4.36 43.40 -2.88
C PRO D 205 3.06 44.21 -2.95
N PRO D 206 2.35 44.12 -4.08
CA PRO D 206 1.03 44.77 -4.19
C PRO D 206 -0.01 44.24 -3.20
N GLY D 207 0.04 42.96 -2.89
CA GLY D 207 -0.93 42.32 -2.02
C GLY D 207 -0.27 41.65 -0.82
N VAL D 208 -0.88 40.56 -0.37
CA VAL D 208 -0.48 39.90 0.89
C VAL D 208 0.86 39.13 0.80
N PHE D 209 1.09 38.45 -0.33
CA PHE D 209 2.23 37.53 -0.49
C PHE D 209 3.11 37.95 -1.64
N TYR D 210 4.40 37.94 -1.41
CA TYR D 210 5.33 38.05 -2.52
C TYR D 210 5.44 36.74 -3.36
N ASP D 211 4.64 36.68 -4.43
CA ASP D 211 4.50 35.49 -5.29
C ASP D 211 4.83 35.70 -6.80
N TYR D 212 4.50 34.71 -7.64
CA TYR D 212 4.69 34.81 -9.10
C TYR D 212 4.07 36.11 -9.66
N ASP D 213 2.79 36.34 -9.35
CA ASP D 213 2.09 37.54 -9.80
C ASP D 213 2.92 38.77 -9.44
N ALA D 214 3.30 38.86 -8.16
CA ALA D 214 4.02 40.01 -7.64
C ALA D 214 5.41 40.21 -8.26
N LYS D 215 6.09 39.11 -8.56
CA LYS D 215 7.43 39.17 -9.12
C LYS D 215 7.44 39.62 -10.57
N TYR D 216 6.50 39.10 -11.37
CA TYR D 216 6.60 39.15 -12.83
C TYR D 216 5.45 39.77 -13.59
N LEU D 217 4.26 39.78 -12.99
CA LEU D 217 3.05 40.13 -13.74
C LEU D 217 2.58 41.55 -13.43
N SER D 218 2.87 42.03 -12.23
CA SER D 218 1.96 42.97 -11.61
C SER D 218 2.03 44.39 -12.16
N ASP D 219 3.23 44.93 -12.35
CA ASP D 219 3.41 46.34 -12.76
C ASP D 219 3.26 47.25 -11.51
N LYS D 220 2.96 46.65 -10.36
CA LYS D 220 2.78 47.37 -9.11
C LYS D 220 3.80 47.02 -8.00
N THR D 221 4.48 45.87 -8.10
CA THR D 221 5.46 45.49 -7.11
C THR D 221 6.56 46.52 -7.06
N GLN D 222 7.00 46.87 -5.85
CA GLN D 222 8.09 47.81 -5.71
C GLN D 222 9.33 47.19 -5.02
N TYR D 223 10.50 47.57 -5.53
CA TYR D 223 11.78 47.15 -4.98
C TYR D 223 12.58 48.37 -4.63
N PHE D 224 13.21 48.37 -3.47
CA PHE D 224 14.06 49.48 -3.08
C PHE D 224 15.46 49.01 -2.75
N CYS D 225 16.41 49.58 -3.46
CA CYS D 225 17.78 49.29 -3.25
C CYS D 225 18.45 50.60 -3.46
N PRO D 226 19.03 51.20 -2.41
CA PRO D 226 19.24 50.66 -1.04
C PRO D 226 17.92 50.43 -0.32
N SER D 227 17.96 49.54 0.67
CA SER D 227 16.76 49.04 1.31
C SER D 227 16.11 50.06 2.25
N GLY D 228 16.87 51.07 2.67
CA GLY D 228 16.39 52.03 3.67
C GLY D 228 16.84 51.68 5.07
N LEU D 229 17.47 50.53 5.25
CA LEU D 229 18.06 50.17 6.52
C LEU D 229 19.31 51.01 6.85
N SER D 230 19.55 51.23 8.14
CA SER D 230 20.80 51.87 8.60
C SER D 230 22.00 50.98 8.33
N ASP D 231 23.20 51.56 8.29
CA ASP D 231 24.45 50.80 8.03
C ASP D 231 24.62 49.68 9.05
N GLU D 232 24.30 49.93 10.31
CA GLU D 232 24.40 48.92 11.37
C GLU D 232 23.40 47.72 11.16
N SER D 233 22.16 48.06 10.80
CA SER D 233 21.17 47.05 10.45
C SER D 233 21.55 46.24 9.21
N GLU D 234 22.13 46.88 8.19
CA GLU D 234 22.55 46.19 6.98
C GLU D 234 23.65 45.20 7.30
N GLN D 235 24.59 45.59 8.17
CA GLN D 235 25.65 44.68 8.61
C GLN D 235 25.10 43.49 9.38
N GLN D 236 24.12 43.71 10.25
CA GLN D 236 23.46 42.62 10.95
C GLN D 236 22.77 41.67 10.01
N LEU D 237 22.09 42.25 9.02
CA LEU D 237 21.32 41.47 8.07
C LEU D 237 22.26 40.63 7.20
N ALA D 238 23.33 41.25 6.77
CA ALA D 238 24.31 40.61 5.93
C ALA D 238 24.89 39.37 6.66
N ALA D 239 25.28 39.55 7.93
CA ALA D 239 25.91 38.48 8.67
C ALA D 239 24.91 37.36 8.85
N LEU D 240 23.68 37.72 9.20
CA LEU D 240 22.63 36.74 9.43
C LEU D 240 22.37 35.94 8.15
N ALA D 241 22.28 36.63 7.03
CA ALA D 241 22.02 36.01 5.75
C ALA D 241 23.11 34.99 5.44
N LEU D 242 24.33 35.41 5.65
CA LEU D 242 25.47 34.56 5.37
C LEU D 242 25.42 33.28 6.22
N GLN D 243 25.13 33.41 7.49
CA GLN D 243 24.98 32.26 8.37
C GLN D 243 23.84 31.40 7.97
N ALA D 244 22.74 31.99 7.52
CA ALA D 244 21.60 31.19 7.09
C ALA D 244 21.95 30.34 5.84
N TYR D 245 22.74 30.93 4.95
CA TYR D 245 23.15 30.31 3.71
C TYR D 245 24.16 29.17 4.00
N HIS D 246 25.14 29.47 4.81
CA HIS D 246 26.07 28.43 5.24
C HIS D 246 25.41 27.33 6.05
N ALA D 247 24.39 27.66 6.82
CA ALA D 247 23.75 26.64 7.61
C ALA D 247 23.16 25.52 6.76
N LEU D 248 22.70 25.85 5.56
CA LEU D 248 22.08 24.87 4.68
C LEU D 248 23.08 24.30 3.67
N ASP D 249 24.35 24.68 3.81
CA ASP D 249 25.42 24.17 2.97
C ASP D 249 25.41 24.68 1.54
N CYS D 250 24.87 25.88 1.33
CA CYS D 250 24.84 26.49 0.01
C CYS D 250 26.23 26.97 -0.39
N SER D 251 26.43 27.10 -1.69
CA SER D 251 27.66 27.64 -2.21
C SER D 251 27.40 28.18 -3.62
N GLY D 252 28.41 28.86 -4.15
CA GLY D 252 28.34 29.49 -5.44
C GLY D 252 27.63 30.81 -5.38
N TRP D 253 26.31 30.78 -5.23
CA TRP D 253 25.52 32.01 -5.08
C TRP D 253 24.14 31.62 -4.70
N GLY D 254 23.34 32.62 -4.35
CA GLY D 254 21.95 32.42 -3.99
C GLY D 254 21.32 33.68 -3.45
N ARG D 255 20.09 33.57 -2.97
CA ARG D 255 19.35 34.69 -2.44
C ARG D 255 18.71 34.27 -1.15
N VAL D 256 18.88 35.04 -0.09
CA VAL D 256 18.26 34.73 1.20
C VAL D 256 17.10 35.69 1.43
N ASP D 257 15.94 35.17 1.75
CA ASP D 257 14.80 36.00 2.01
C ASP D 257 14.54 36.13 3.50
N VAL D 258 14.21 37.34 3.94
CA VAL D 258 14.16 37.71 5.33
C VAL D 258 13.01 38.65 5.56
N MET D 259 12.42 38.61 6.75
CA MET D 259 11.36 39.54 7.13
C MET D 259 11.54 40.11 8.50
N GLN D 260 11.11 41.36 8.66
CA GLN D 260 11.10 41.99 9.98
C GLN D 260 9.80 41.77 10.71
N ASP D 261 9.85 41.75 12.05
CA ASP D 261 8.66 41.84 12.88
C ASP D 261 8.46 43.31 13.30
N ARG D 262 7.38 43.54 14.04
CA ARG D 262 6.99 44.83 14.61
C ARG D 262 8.17 45.53 15.28
N ASP D 263 8.96 44.76 16.03
CA ASP D 263 10.09 45.32 16.79
C ASP D 263 11.37 45.50 15.99
N GLY D 264 11.38 45.18 14.69
CA GLY D 264 12.58 45.37 13.87
C GLY D 264 13.56 44.20 13.87
N HIS D 265 13.25 43.10 14.56
CA HIS D 265 14.08 41.89 14.48
C HIS D 265 13.88 41.19 13.16
N PHE D 266 14.96 40.62 12.65
CA PHE D 266 14.92 39.89 11.38
C PHE D 266 14.58 38.42 11.60
N TYR D 267 13.86 37.83 10.63
CA TYR D 267 13.52 36.41 10.63
C TYR D 267 13.77 35.81 9.25
N LEU D 268 14.33 34.60 9.25
CA LEU D 268 14.68 33.93 8.01
C LEU D 268 13.48 33.26 7.43
N LEU D 269 13.24 33.44 6.13
CA LEU D 269 12.14 32.75 5.45
C LEU D 269 12.66 31.56 4.62
N GLU D 270 13.61 31.79 3.73
CA GLU D 270 14.03 30.74 2.79
C GLU D 270 15.29 31.12 2.06
N VAL D 271 15.91 30.15 1.42
CA VAL D 271 17.06 30.41 0.54
C VAL D 271 16.70 29.87 -0.82
N ASN D 272 16.99 30.64 -1.86
CA ASN D 272 16.74 30.24 -3.21
C ASN D 272 18.07 29.90 -3.85
N THR D 273 18.22 28.67 -4.31
CA THR D 273 19.48 28.21 -4.89
C THR D 273 19.66 28.32 -6.41
N SER D 274 18.63 28.70 -7.18
CA SER D 274 18.85 29.23 -8.59
C SER D 274 18.02 30.51 -8.95
N PRO D 275 18.43 31.69 -8.45
CA PRO D 275 17.60 32.88 -8.62
C PRO D 275 17.38 33.35 -10.08
N GLY D 276 16.32 34.14 -10.24
CA GLY D 276 16.02 34.75 -11.51
C GLY D 276 17.13 35.66 -11.93
N MET D 277 17.48 35.58 -13.20
CA MET D 277 18.51 36.41 -13.79
C MET D 277 18.01 37.27 -14.98
N THR D 278 16.73 37.68 -14.95
CA THR D 278 16.15 38.67 -15.90
C THR D 278 16.37 40.16 -15.56
N SER D 279 15.96 41.01 -16.50
CA SER D 279 16.11 42.46 -16.43
C SER D 279 15.35 43.02 -15.22
N HIS D 280 14.26 42.38 -14.82
CA HIS D 280 13.53 42.79 -13.63
C HIS D 280 13.83 41.94 -12.37
N SER D 281 14.89 41.11 -12.40
CA SER D 281 15.22 40.23 -11.30
C SER D 281 16.05 40.89 -10.16
N LEU D 282 15.82 40.34 -8.98
CA LEU D 282 16.50 40.80 -7.74
C LEU D 282 18.03 40.72 -7.73
N VAL D 283 18.60 39.60 -8.17
CA VAL D 283 20.04 39.48 -8.03
C VAL D 283 20.74 40.49 -8.90
N PRO D 284 20.33 40.59 -10.16
CA PRO D 284 20.98 41.62 -11.00
C PRO D 284 20.80 43.02 -10.41
N MET D 285 19.65 43.29 -9.83
CA MET D 285 19.48 44.59 -9.23
C MET D 285 20.50 44.81 -8.11
N ALA D 286 20.66 43.82 -7.24
CA ALA D 286 21.62 43.98 -6.13
C ALA D 286 23.07 44.08 -6.64
N ALA D 287 23.39 43.33 -7.67
CA ALA D 287 24.72 43.36 -8.20
C ALA D 287 25.03 44.75 -8.77
N ARG D 288 24.06 45.31 -9.48
CA ARG D 288 24.19 46.65 -10.06
C ARG D 288 24.47 47.68 -8.95
N GLN D 289 23.62 47.72 -7.95
CA GLN D 289 23.92 48.52 -6.76
C GLN D 289 25.33 48.30 -6.14
N TYR D 290 25.81 47.06 -6.21
CA TYR D 290 27.13 46.72 -5.68
C TYR D 290 28.24 47.28 -6.58
N GLY D 291 27.89 47.65 -7.80
CA GLY D 291 28.85 48.19 -8.73
C GLY D 291 29.16 47.29 -9.91
N LEU D 292 28.58 46.10 -9.96
CA LEU D 292 28.93 45.14 -11.01
C LEU D 292 28.00 45.30 -12.16
N SER D 293 28.52 45.14 -13.37
CA SER D 293 27.67 44.94 -14.53
C SER D 293 27.10 43.51 -14.52
N PHE D 294 26.06 43.31 -15.32
CA PHE D 294 25.42 42.00 -15.35
C PHE D 294 26.42 40.93 -15.84
N SER D 295 27.21 41.31 -16.82
CA SER D 295 28.24 40.46 -17.37
C SER D 295 29.27 40.07 -16.28
N GLN D 296 29.63 41.00 -15.43
CA GLN D 296 30.63 40.72 -14.41
C GLN D 296 30.05 39.78 -13.35
N LEU D 297 28.77 39.99 -13.04
CA LEU D 297 28.03 39.15 -12.15
C LEU D 297 28.06 37.68 -12.58
N VAL D 298 27.72 37.44 -13.84
CA VAL D 298 27.67 36.04 -14.30
C VAL D 298 29.04 35.44 -14.42
N ALA D 299 30.04 36.22 -14.81
CA ALA D 299 31.39 35.69 -14.88
C ALA D 299 31.88 35.34 -13.48
N ARG D 300 31.49 36.14 -12.49
CA ARG D 300 31.86 35.83 -11.10
C ARG D 300 31.20 34.54 -10.59
N ILE D 301 29.94 34.37 -10.90
CA ILE D 301 29.25 33.12 -10.57
C ILE D 301 29.92 31.90 -11.19
N LEU D 302 30.28 32.00 -12.46
CA LEU D 302 30.92 30.90 -13.18
C LEU D 302 32.29 30.61 -12.59
N MET D 303 33.01 31.67 -12.21
CA MET D 303 34.36 31.47 -11.68
C MET D 303 34.28 30.65 -10.38
N LEU D 304 33.16 30.72 -9.68
CA LEU D 304 32.97 30.01 -8.44
C LEU D 304 32.62 28.55 -8.61
N ALA D 305 32.43 28.13 -9.84
CA ALA D 305 32.25 26.71 -10.17
C ALA D 305 33.60 26.05 -10.59
N ASP D 306 34.03 24.98 -9.95
CA ASP D 306 35.36 24.38 -10.29
C ASP D 306 35.50 22.84 -10.19
NA NA E . -14.07 -21.68 -9.30
C1 GOL F . -8.42 -33.70 -4.38
O1 GOL F . -9.39 -32.65 -4.10
C2 GOL F . -8.81 -34.54 -5.60
O2 GOL F . -7.90 -35.64 -5.77
C3 GOL F . -8.76 -33.68 -6.87
O3 GOL F . -9.20 -34.41 -8.03
C1 GOL G . -2.55 -18.56 5.61
O1 GOL G . -2.40 -17.75 4.47
C2 GOL G . -3.97 -19.13 5.53
O2 GOL G . -4.09 -20.15 6.52
C3 GOL G . -4.32 -19.61 4.09
O3 GOL G . -4.39 -21.06 3.91
PB ADP H . -22.93 -9.04 12.10
O1B ADP H . -23.60 -10.38 12.38
O2B ADP H . -22.82 -8.00 13.20
O3B ADP H . -21.58 -9.24 11.44
PA ADP H . -25.34 -7.60 10.94
O1A ADP H . -26.49 -8.53 11.28
O2A ADP H . -25.42 -6.87 9.62
O3A ADP H . -23.89 -8.38 10.93
O5' ADP H . -25.19 -6.49 12.12
C5' ADP H . -25.42 -6.75 13.51
C4' ADP H . -26.65 -6.02 14.06
O4' ADP H . -26.61 -4.64 13.70
C3' ADP H . -28.01 -6.50 13.56
O3' ADP H . -28.47 -7.71 14.17
C2' ADP H . -28.84 -5.28 13.87
O2' ADP H . -29.14 -5.11 15.26
C1' ADP H . -27.92 -4.14 13.55
N9 ADP H . -28.01 -3.62 12.17
C8 ADP H . -27.36 -4.11 11.08
N7 ADP H . -27.62 -3.35 9.99
C5 ADP H . -28.44 -2.35 10.36
C6 ADP H . -29.11 -1.21 9.71
N6 ADP H . -28.93 -0.99 8.37
N1 ADP H . -29.89 -0.42 10.53
C2 ADP H . -30.07 -0.65 11.86
N3 ADP H . -29.48 -1.67 12.53
C4 ADP H . -28.68 -2.53 11.84
NA NA I . -22.23 -19.17 6.67
C1 GOL J . -13.04 -24.61 13.73
O1 GOL J . -13.12 -24.13 15.11
C2 GOL J . -12.14 -25.84 13.47
O2 GOL J . -12.26 -26.68 14.63
C3 GOL J . -12.50 -26.67 12.20
O3 GOL J . -12.64 -26.02 10.89
PB ADP K . 29.54 5.80 10.22
O1B ADP K . 28.46 4.71 10.37
O2B ADP K . 29.41 6.71 8.98
O3B ADP K . 30.97 5.35 10.44
PA ADP K . 28.74 6.76 12.89
O1A ADP K . 27.49 5.92 13.06
O2A ADP K . 28.72 8.17 13.45
O3A ADP K . 29.37 6.91 11.40
O5' ADP K . 29.91 5.99 13.62
C5' ADP K . 30.38 4.68 13.40
C4' ADP K . 30.41 3.88 14.70
O4' ADP K . 31.20 4.50 15.72
C3' ADP K . 29.05 3.70 15.33
O3' ADP K . 28.25 2.69 14.71
C2' ADP K . 29.47 3.42 16.76
O2' ADP K . 29.92 2.10 16.91
C1' ADP K . 30.64 4.29 17.00
N9 ADP K . 30.25 5.62 17.50
C8 ADP K . 29.87 6.70 16.82
N7 ADP K . 29.59 7.76 17.68
C5 ADP K . 29.83 7.34 18.91
C6 ADP K . 29.80 7.92 20.27
N6 ADP K . 29.43 9.21 20.53
N1 ADP K . 30.17 7.11 21.26
C2 ADP K . 30.54 5.82 21.09
N3 ADP K . 30.61 5.23 19.89
C4 ADP K . 30.29 5.93 18.79
NA NA L . 21.93 8.42 2.41
C ACT M . 24.68 -4.87 6.98
O ACT M . 24.55 -6.12 7.23
OXT ACT M . 23.77 -4.15 6.50
CH3 ACT M . 25.98 -4.21 7.28
C1 GOL N . 7.35 15.95 12.20
O1 GOL N . 7.58 17.37 12.05
C2 GOL N . 8.03 15.30 10.99
O2 GOL N . 9.41 15.07 11.27
C3 GOL N . 7.41 13.98 10.55
O3 GOL N . 7.44 13.97 9.12
C1 GOL O . 2.51 -10.36 2.40
O1 GOL O . 2.54 -10.55 3.82
C2 GOL O . 3.87 -10.85 1.90
O2 GOL O . 4.09 -12.06 2.62
C3 GOL O . 3.98 -11.05 0.36
O3 GOL O . 5.00 -10.17 -0.17
C1 GOL P . 10.96 9.87 -9.78
O1 GOL P . 11.69 8.78 -10.36
C2 GOL P . 9.44 9.80 -9.97
O2 GOL P . 9.12 9.75 -11.38
C3 GOL P . 8.89 8.59 -9.22
O3 GOL P . 7.96 7.87 -10.03
C1 GOL Q . 10.32 7.43 -6.14
O1 GOL Q . 10.42 6.32 -7.04
C2 GOL Q . 10.01 6.84 -4.77
O2 GOL Q . 8.89 7.54 -4.19
C3 GOL Q . 11.28 6.88 -3.90
O3 GOL Q . 11.54 8.18 -3.36
NA NA R . 23.63 -18.32 4.49
PB ADP S . 7.21 30.43 -1.37
O1B ADP S . 6.98 28.95 -1.61
O2B ADP S . 8.65 30.87 -1.61
O3B ADP S . 6.14 31.26 -2.07
PA ADP S . 7.65 31.56 1.33
O1A ADP S . 7.66 30.83 2.66
O2A ADP S . 8.93 32.20 0.82
O3A ADP S . 6.95 30.56 0.24
O5' ADP S . 6.58 32.76 1.36
C5' ADP S . 6.24 33.42 0.13
C4' ADP S . 5.92 34.87 0.39
O4' ADP S . 4.85 34.97 1.36
C3' ADP S . 7.13 35.56 1.02
O3' ADP S . 7.96 36.10 -0.02
C2' ADP S . 6.46 36.57 1.93
O2' ADP S . 6.03 37.68 1.13
C1' ADP S . 5.20 35.89 2.44
N9 ADP S . 5.32 35.22 3.78
C8 ADP S . 5.71 33.94 4.04
N7 ADP S . 5.67 33.63 5.37
C5 ADP S . 5.23 34.76 6.01
C6 ADP S . 4.94 35.18 7.42
N6 ADP S . 5.12 34.36 8.48
N1 ADP S . 4.49 36.43 7.64
C2 ADP S . 4.28 37.32 6.62
N3 ADP S . 4.50 37.02 5.32
C4 ADP S . 4.98 35.78 4.94
N DAL T . 12.39 31.79 -7.98
CA DAL T . 12.42 32.89 -8.97
CB DAL T . 12.85 32.40 -10.36
C DAL T . 13.27 34.08 -8.51
O DAL T . 14.38 33.93 -8.00
N DAL U . 12.73 35.27 -8.72
CA DAL U . 13.35 36.54 -8.31
CB DAL U . 12.29 37.43 -7.69
C DAL U . 13.72 37.35 -9.47
O DAL U . 13.38 37.05 -10.64
OXT DAL U . 14.36 38.35 -9.16
NA NA V . 16.92 24.77 -3.92
#